data_9DHL
#
_entry.id   9DHL
#
_cell.length_a   118.280
_cell.length_b   76.930
_cell.length_c   97.720
_cell.angle_alpha   90.000
_cell.angle_beta   116.545
_cell.angle_gamma   90.000
#
_symmetry.space_group_name_H-M   'C 1 2 1'
#
loop_
_entity.id
_entity.type
_entity.pdbx_description
1 polymer 'AmpC Beta-lactamase'
2 non-polymer N-(1-acetyl-2,3-dihydro-1H-indol-4-yl)-3-chloro-2-hydroxybenzene-1-sulfonamide
3 water water
#
_entity_poly.entity_id   1
_entity_poly.type   'polypeptide(L)'
_entity_poly.pdbx_seq_one_letter_code
;MFKTTLCALLITASCSTFAAPQQINDIVHRTITPLIEQQKIPGMAVAVIYQGKPYYFTWGYADIAKKQPVTQQTLFELGS
VSKTFTGVLGGDAIARGEIKLSDPTTKYWPELTAKQWNGITLLHLATYTAGGLPLQVPDEVKSSSDLLRFYQNWQPAWAP
GTQRLYANSSIGLFGALAVKPSGLSFEQAMQTRVFQPLKLNHTWINVPPAEEKNYAWGYREGKAVHVSPGALDAEAYGVK
STIEDMARWVQSNLKPLDINEKTLQQGIQLAQSRYWQTGDMYQGLGWEMLDWPVNPDSIINGSDNKIALAARPVKAITPP
TPAVRASWVHKTGATGGFGSYVAFIPEKELGIVMLANKNYPNPARVDAAWQILNALQ
;
_entity_poly.pdbx_strand_id   A,B
#
loop_
_chem_comp.id
_chem_comp.type
_chem_comp.name
_chem_comp.formula
A1AU5 non-polymer N-(1-acetyl-2,3-dihydro-1H-indol-4-yl)-3-chloro-2-hydroxybenzene-1-sulfonamide 'C16 H15 Cl N2 O4 S'
#
# COMPACT_ATOMS: atom_id res chain seq x y z
N ALA A 20 -35.38 6.71 -6.51
CA ALA A 20 -34.99 6.16 -7.80
C ALA A 20 -35.15 7.19 -8.91
N PRO A 21 -34.11 8.00 -9.12
CA PRO A 21 -34.13 8.98 -10.22
C PRO A 21 -34.54 8.32 -11.52
N GLN A 22 -35.34 9.04 -12.32
CA GLN A 22 -35.89 8.45 -13.54
C GLN A 22 -34.79 8.00 -14.48
N GLN A 23 -33.69 8.76 -14.56
CA GLN A 23 -32.59 8.37 -15.44
C GLN A 23 -32.02 7.02 -15.07
N ILE A 24 -31.86 6.75 -13.77
CA ILE A 24 -31.35 5.45 -13.34
C ILE A 24 -32.41 4.38 -13.61
N ASN A 25 -33.66 4.67 -13.27
CA ASN A 25 -34.74 3.74 -13.56
C ASN A 25 -34.74 3.32 -15.02
N ASP A 26 -34.67 4.30 -15.94
CA ASP A 26 -34.83 4.00 -17.36
C ASP A 26 -33.66 3.19 -17.92
N ILE A 27 -32.42 3.61 -17.64
CA ILE A 27 -31.28 2.88 -18.22
C ILE A 27 -31.23 1.46 -17.68
N VAL A 28 -31.53 1.27 -16.39
CA VAL A 28 -31.47 -0.07 -15.83
C VAL A 28 -32.54 -0.96 -16.48
N HIS A 29 -33.79 -0.51 -16.48
CA HIS A 29 -34.86 -1.38 -16.98
C HIS A 29 -34.70 -1.63 -18.48
N ARG A 30 -34.26 -0.63 -19.23
CA ARG A 30 -34.18 -0.81 -20.68
C ARG A 30 -33.01 -1.70 -21.07
N THR A 31 -32.03 -1.83 -20.19
CA THR A 31 -30.91 -2.74 -20.45
C THR A 31 -31.18 -4.15 -19.93
N ILE A 32 -31.77 -4.26 -18.73
CA ILE A 32 -31.84 -5.56 -18.09
C ILE A 32 -33.02 -6.37 -18.59
N THR A 33 -34.16 -5.72 -18.87
CA THR A 33 -35.32 -6.48 -19.34
C THR A 33 -35.01 -7.27 -20.60
N PRO A 34 -34.40 -6.70 -21.65
CA PRO A 34 -34.04 -7.53 -22.81
C PRO A 34 -33.00 -8.59 -22.49
N LEU A 35 -32.06 -8.29 -21.58
CA LEU A 35 -31.05 -9.28 -21.20
C LEU A 35 -31.71 -10.52 -20.61
N ILE A 36 -32.64 -10.31 -19.67
CA ILE A 36 -33.36 -11.41 -19.05
C ILE A 36 -34.11 -12.23 -20.11
N GLU A 37 -34.75 -11.55 -21.06
CA GLU A 37 -35.46 -12.26 -22.13
C GLU A 37 -34.51 -13.03 -23.03
N GLN A 38 -33.40 -12.39 -23.45
CA GLN A 38 -32.50 -13.03 -24.41
C GLN A 38 -31.77 -14.20 -23.78
N GLN A 39 -31.42 -14.10 -22.50
CA GLN A 39 -30.66 -15.15 -21.83
C GLN A 39 -31.55 -16.13 -21.08
N LYS A 40 -32.86 -15.88 -21.06
CA LYS A 40 -33.84 -16.70 -20.35
C LYS A 40 -33.43 -16.89 -18.89
N ILE A 41 -33.10 -15.78 -18.25
CA ILE A 41 -32.70 -15.76 -16.85
C ILE A 41 -33.96 -15.84 -15.97
N PRO A 42 -34.04 -16.78 -15.02
CA PRO A 42 -35.28 -16.89 -14.24
C PRO A 42 -35.52 -15.73 -13.29
N GLY A 43 -34.47 -15.26 -12.63
CA GLY A 43 -34.59 -14.17 -11.66
C GLY A 43 -33.30 -13.38 -11.60
N MET A 44 -33.42 -12.10 -11.27
CA MET A 44 -32.26 -11.22 -11.28
C MET A 44 -32.44 -10.12 -10.25
N ALA A 45 -31.34 -9.72 -9.61
CA ALA A 45 -31.33 -8.52 -8.78
C ALA A 45 -30.20 -7.62 -9.25
N VAL A 46 -30.44 -6.31 -9.28
CA VAL A 46 -29.42 -5.34 -9.67
C VAL A 46 -29.36 -4.22 -8.65
N ALA A 47 -28.16 -3.76 -8.33
CA ALA A 47 -27.96 -2.56 -7.53
C ALA A 47 -27.08 -1.62 -8.32
N VAL A 48 -27.50 -0.35 -8.40
CA VAL A 48 -26.66 0.71 -8.93
C VAL A 48 -26.27 1.64 -7.78
N ILE A 49 -24.97 1.86 -7.64
CA ILE A 49 -24.44 2.85 -6.70
C ILE A 49 -24.13 4.09 -7.49
N TYR A 50 -24.84 5.18 -7.20
CA TYR A 50 -24.74 6.41 -7.97
C TYR A 50 -24.47 7.55 -6.99
N GLN A 51 -23.35 8.24 -7.18
CA GLN A 51 -22.87 9.25 -6.23
C GLN A 51 -22.92 8.71 -4.80
N GLY A 52 -22.56 7.44 -4.64
CA GLY A 52 -22.44 6.82 -3.33
C GLY A 52 -23.69 6.19 -2.78
N LYS A 53 -24.88 6.41 -3.39
CA LYS A 53 -26.12 5.91 -2.83
C LYS A 53 -26.66 4.73 -3.63
N PRO A 54 -27.24 3.72 -2.98
CA PRO A 54 -27.70 2.52 -3.70
C PRO A 54 -29.15 2.61 -4.13
N TYR A 55 -29.40 2.06 -5.32
CA TYR A 55 -30.73 1.87 -5.87
C TYR A 55 -30.89 0.43 -6.33
N TYR A 56 -32.03 -0.17 -6.00
CA TYR A 56 -32.25 -1.61 -6.15
C TYR A 56 -33.35 -1.91 -7.15
N PHE A 57 -33.17 -3.02 -7.88
CA PHE A 57 -34.11 -3.49 -8.89
C PHE A 57 -34.18 -5.01 -8.81
N THR A 58 -35.38 -5.58 -8.95
CA THR A 58 -35.50 -7.04 -8.99
C THR A 58 -36.51 -7.48 -10.04
N TRP A 59 -36.24 -8.67 -10.62
CA TRP A 59 -37.11 -9.29 -11.61
C TRP A 59 -37.24 -10.78 -11.37
N GLY A 60 -38.41 -11.34 -11.67
CA GLY A 60 -38.49 -12.78 -11.83
C GLY A 60 -38.45 -13.61 -10.55
N TYR A 61 -37.90 -14.83 -10.66
CA TYR A 61 -38.17 -15.88 -9.69
C TYR A 61 -36.89 -16.37 -9.03
N ALA A 62 -36.89 -16.42 -7.70
CA ALA A 62 -35.85 -17.10 -6.94
C ALA A 62 -36.09 -18.60 -6.92
N ASP A 63 -37.35 -19.02 -7.01
CA ASP A 63 -37.74 -20.43 -7.01
C ASP A 63 -38.91 -20.55 -7.98
N ILE A 64 -38.65 -21.13 -9.15
CA ILE A 64 -39.68 -21.23 -10.18
C ILE A 64 -40.83 -22.12 -9.72
N ALA A 65 -40.50 -23.28 -9.15
CA ALA A 65 -41.54 -24.25 -8.79
C ALA A 65 -42.42 -23.72 -7.66
N LYS A 66 -41.83 -23.04 -6.68
CA LYS A 66 -42.61 -22.50 -5.56
C LYS A 66 -43.10 -21.09 -5.80
N LYS A 67 -42.82 -20.52 -6.97
CA LYS A 67 -43.32 -19.19 -7.37
C LYS A 67 -42.86 -18.10 -6.41
N GLN A 68 -41.61 -18.26 -5.87
CA GLN A 68 -41.04 -17.24 -4.99
C GLN A 68 -40.33 -16.18 -5.81
N PRO A 69 -40.66 -14.92 -5.62
CA PRO A 69 -40.01 -13.85 -6.40
C PRO A 69 -38.64 -13.51 -5.85
N VAL A 70 -37.82 -12.91 -6.73
CA VAL A 70 -36.59 -12.26 -6.29
C VAL A 70 -36.95 -11.01 -5.52
N THR A 71 -36.39 -10.87 -4.32
CA THR A 71 -36.55 -9.65 -3.52
C THR A 71 -35.17 -9.07 -3.18
N GLN A 72 -35.17 -7.95 -2.47
CA GLN A 72 -33.91 -7.39 -2.00
C GLN A 72 -33.26 -8.23 -0.92
N GLN A 73 -33.96 -9.26 -0.42
CA GLN A 73 -33.43 -10.14 0.62
C GLN A 73 -33.05 -11.52 0.08
N THR A 74 -33.23 -11.76 -1.22
CA THR A 74 -32.91 -13.04 -1.83
C THR A 74 -31.40 -13.27 -1.80
N LEU A 75 -31.00 -14.48 -1.39
CA LEU A 75 -29.59 -14.86 -1.41
C LEU A 75 -29.25 -15.51 -2.75
N PHE A 76 -28.11 -15.09 -3.32
CA PHE A 76 -27.56 -15.60 -4.56
C PHE A 76 -26.18 -16.17 -4.30
N GLU A 77 -25.83 -17.23 -5.03
CA GLU A 77 -24.44 -17.73 -5.03
C GLU A 77 -23.56 -16.78 -5.83
N LEU A 78 -22.52 -16.22 -5.19
CA LEU A 78 -21.64 -15.29 -5.87
C LEU A 78 -20.62 -15.98 -6.76
N GLY A 79 -20.40 -17.27 -6.58
CA GLY A 79 -19.31 -17.89 -7.31
C GLY A 79 -17.98 -17.18 -7.07
N SER A 80 -17.22 -16.98 -8.15
CA SER A 80 -15.90 -16.39 -8.03
C SER A 80 -15.89 -14.93 -7.57
N VAL A 81 -17.01 -14.23 -7.48
CA VAL A 81 -16.96 -12.93 -6.81
C VAL A 81 -16.57 -13.08 -5.34
N SER A 82 -16.74 -14.29 -4.78
CA SER A 82 -16.20 -14.62 -3.45
C SER A 82 -14.72 -14.32 -3.34
N LYS A 83 -13.98 -14.47 -4.44
CA LYS A 83 -12.54 -14.21 -4.40
C LYS A 83 -12.21 -12.77 -4.04
N THR A 84 -13.15 -11.82 -4.22
CA THR A 84 -12.87 -10.46 -3.77
C THR A 84 -12.91 -10.38 -2.24
N PHE A 85 -13.78 -11.17 -1.61
CA PHE A 85 -13.78 -11.25 -0.14
C PHE A 85 -12.51 -11.91 0.36
N THR A 86 -12.05 -12.98 -0.32
CA THR A 86 -10.81 -13.63 0.08
C THR A 86 -9.63 -12.67 -0.05
N GLY A 87 -9.57 -11.93 -1.18
CA GLY A 87 -8.49 -10.98 -1.38
C GLY A 87 -8.43 -9.93 -0.29
N VAL A 88 -9.58 -9.41 0.11
CA VAL A 88 -9.64 -8.37 1.14
C VAL A 88 -9.29 -8.93 2.51
N LEU A 89 -9.81 -10.12 2.85
CA LEU A 89 -9.43 -10.76 4.11
C LEU A 89 -7.93 -11.00 4.18
N GLY A 90 -7.33 -11.43 3.07
CA GLY A 90 -5.89 -11.56 3.02
C GLY A 90 -5.18 -10.23 3.21
N GLY A 91 -5.69 -9.19 2.55
CA GLY A 91 -5.12 -7.87 2.76
C GLY A 91 -5.21 -7.41 4.20
N ASP A 92 -6.28 -7.79 4.88
CA ASP A 92 -6.43 -7.41 6.29
C ASP A 92 -5.41 -8.15 7.15
N ALA A 93 -5.14 -9.42 6.81
CA ALA A 93 -4.11 -10.15 7.53
C ALA A 93 -2.72 -9.56 7.30
N ILE A 94 -2.44 -9.13 6.08
CA ILE A 94 -1.19 -8.41 5.82
C ILE A 94 -1.10 -7.16 6.68
N ALA A 95 -2.16 -6.36 6.67
CA ALA A 95 -2.17 -5.10 7.41
C ALA A 95 -2.02 -5.33 8.91
N ARG A 96 -2.55 -6.45 9.42
CA ARG A 96 -2.36 -6.78 10.83
C ARG A 96 -0.95 -7.25 11.16
N GLY A 97 -0.11 -7.49 10.15
CA GLY A 97 1.21 -8.07 10.38
C GLY A 97 1.24 -9.55 10.59
N GLU A 98 0.14 -10.27 10.28
CA GLU A 98 0.11 -11.70 10.48
C GLU A 98 0.80 -12.47 9.33
N ILE A 99 0.72 -11.94 8.10
CA ILE A 99 1.39 -12.53 6.94
C ILE A 99 2.03 -11.42 6.11
N LYS A 100 2.90 -11.82 5.20
CA LYS A 100 3.43 -10.96 4.15
C LYS A 100 3.28 -11.69 2.81
N LEU A 101 2.94 -10.93 1.77
CA LEU A 101 2.83 -11.52 0.43
C LEU A 101 4.18 -12.01 -0.08
N SER A 102 5.28 -11.45 0.42
CA SER A 102 6.60 -11.95 0.07
C SER A 102 6.99 -13.23 0.82
N ASP A 103 6.16 -13.69 1.76
CA ASP A 103 6.47 -14.92 2.50
C ASP A 103 6.44 -16.13 1.55
N PRO A 104 7.38 -17.07 1.68
CA PRO A 104 7.24 -18.36 1.02
C PRO A 104 6.01 -19.10 1.53
N THR A 105 5.39 -19.84 0.61
CA THR A 105 4.23 -20.66 0.95
C THR A 105 4.56 -21.62 2.09
N THR A 106 5.77 -22.17 2.09
CA THR A 106 6.17 -23.15 3.10
C THR A 106 6.26 -22.58 4.50
N LYS A 107 6.33 -21.25 4.64
CA LYS A 107 6.37 -20.67 5.98
C LYS A 107 5.08 -20.95 6.73
N TYR A 108 3.94 -21.06 6.03
CA TYR A 108 2.66 -21.33 6.65
C TYR A 108 2.21 -22.76 6.46
N TRP A 109 2.91 -23.55 5.65
CA TRP A 109 2.62 -24.96 5.45
C TRP A 109 3.95 -25.70 5.34
N PRO A 110 4.63 -25.91 6.46
CA PRO A 110 5.96 -26.56 6.42
C PRO A 110 5.92 -27.99 5.89
N GLU A 111 4.78 -28.69 5.97
CA GLU A 111 4.66 -30.03 5.41
C GLU A 111 4.73 -30.03 3.89
N LEU A 112 4.69 -28.86 3.26
CA LEU A 112 4.81 -28.74 1.81
C LEU A 112 6.29 -28.74 1.46
N THR A 113 6.87 -29.93 1.42
CA THR A 113 8.33 -30.07 1.30
C THR A 113 8.82 -30.32 -0.12
N ALA A 114 7.92 -30.55 -1.07
N ALA A 114 7.92 -30.55 -1.07
CA ALA A 114 8.38 -30.86 -2.43
CA ALA A 114 8.36 -30.86 -2.43
C ALA A 114 9.11 -29.67 -3.03
C ALA A 114 9.12 -29.67 -3.03
N LYS A 115 10.17 -29.96 -3.78
CA LYS A 115 11.11 -28.92 -4.19
C LYS A 115 10.53 -27.89 -5.15
N GLN A 116 9.43 -28.21 -5.85
CA GLN A 116 8.88 -27.22 -6.77
C GLN A 116 8.30 -26.01 -6.04
N TRP A 117 8.08 -26.12 -4.72
CA TRP A 117 7.52 -25.00 -3.97
C TRP A 117 8.56 -23.98 -3.53
N ASN A 118 9.85 -24.25 -3.71
CA ASN A 118 10.86 -23.24 -3.42
C ASN A 118 10.71 -22.08 -4.40
N GLY A 119 10.47 -20.89 -3.85
CA GLY A 119 10.29 -19.71 -4.65
C GLY A 119 8.85 -19.32 -4.91
N ILE A 120 7.89 -20.12 -4.46
CA ILE A 120 6.47 -19.79 -4.62
C ILE A 120 6.00 -19.07 -3.36
N THR A 121 5.60 -17.80 -3.51
CA THR A 121 5.20 -16.96 -2.38
C THR A 121 3.68 -16.87 -2.28
N LEU A 122 3.21 -16.30 -1.16
CA LEU A 122 1.78 -16.06 -1.03
C LEU A 122 1.26 -15.16 -2.15
N LEU A 123 2.08 -14.19 -2.57
CA LEU A 123 1.70 -13.34 -3.69
C LEU A 123 1.38 -14.18 -4.94
N HIS A 124 2.20 -15.18 -5.23
CA HIS A 124 1.95 -15.99 -6.42
C HIS A 124 0.63 -16.75 -6.30
N LEU A 125 0.34 -17.29 -5.11
CA LEU A 125 -0.94 -17.97 -4.92
C LEU A 125 -2.10 -17.01 -5.11
N ALA A 126 -2.00 -15.82 -4.52
CA ALA A 126 -3.11 -14.88 -4.53
C ALA A 126 -3.42 -14.35 -5.93
N THR A 127 -2.45 -14.40 -6.86
CA THR A 127 -2.60 -13.75 -8.15
C THR A 127 -2.52 -14.72 -9.32
N TYR A 128 -2.59 -16.02 -9.07
CA TYR A 128 -2.64 -17.06 -10.12
C TYR A 128 -1.33 -17.16 -10.89
N THR A 129 -0.21 -16.81 -10.26
CA THR A 129 1.09 -16.78 -10.94
C THR A 129 2.10 -17.78 -10.40
N ALA A 130 1.64 -18.83 -9.69
CA ALA A 130 2.57 -19.79 -9.08
C ALA A 130 3.25 -20.69 -10.10
N GLY A 131 2.73 -20.79 -11.31
CA GLY A 131 3.36 -21.63 -12.33
C GLY A 131 2.41 -22.68 -12.91
N GLY A 132 1.12 -22.39 -12.88
CA GLY A 132 0.14 -23.26 -13.49
C GLY A 132 -0.65 -24.14 -12.54
N LEU A 133 -0.94 -23.69 -11.33
CA LEU A 133 -1.88 -24.44 -10.51
C LEU A 133 -3.20 -24.58 -11.28
N PRO A 134 -3.90 -25.72 -11.17
CA PRO A 134 -5.07 -25.96 -12.00
C PRO A 134 -6.31 -25.18 -11.58
N LEU A 135 -7.22 -24.99 -12.56
CA LEU A 135 -8.43 -24.22 -12.28
C LEU A 135 -9.24 -24.83 -11.15
N GLN A 136 -9.34 -26.16 -11.10
CA GLN A 136 -10.22 -26.85 -10.17
C GLN A 136 -9.42 -27.76 -9.26
N VAL A 137 -9.80 -27.77 -7.99
CA VAL A 137 -9.33 -28.85 -7.12
C VAL A 137 -10.09 -30.13 -7.49
N PRO A 138 -9.42 -31.25 -7.70
CA PRO A 138 -10.14 -32.47 -8.07
C PRO A 138 -11.16 -32.87 -7.02
N ASP A 139 -12.28 -33.43 -7.50
CA ASP A 139 -13.35 -33.86 -6.61
C ASP A 139 -12.89 -34.91 -5.61
N GLU A 140 -11.87 -35.68 -5.97
N GLU A 140 -11.86 -35.67 -5.96
CA GLU A 140 -11.31 -36.69 -5.07
CA GLU A 140 -11.32 -36.69 -5.06
C GLU A 140 -10.68 -36.08 -3.82
C GLU A 140 -10.64 -36.09 -3.84
N VAL A 141 -10.32 -34.79 -3.88
CA VAL A 141 -9.58 -34.15 -2.80
C VAL A 141 -10.58 -33.61 -1.78
N LYS A 142 -10.54 -34.16 -0.57
CA LYS A 142 -11.48 -33.75 0.47
C LYS A 142 -10.78 -33.35 1.77
N SER A 143 -9.91 -34.21 2.29
CA SER A 143 -9.37 -34.02 3.64
C SER A 143 -8.18 -33.06 3.62
N SER A 144 -7.70 -32.71 4.82
CA SER A 144 -6.47 -31.93 4.90
C SER A 144 -5.29 -32.72 4.36
N SER A 145 -5.30 -34.05 4.52
CA SER A 145 -4.21 -34.87 4.01
C SER A 145 -4.29 -35.07 2.50
N ASP A 146 -5.51 -35.22 1.96
CA ASP A 146 -5.72 -35.22 0.50
C ASP A 146 -5.20 -33.95 -0.13
N LEU A 147 -5.46 -32.81 0.51
CA LEU A 147 -5.06 -31.53 -0.04
C LEU A 147 -3.54 -31.41 -0.08
N LEU A 148 -2.88 -31.79 1.03
CA LEU A 148 -1.42 -31.80 1.07
C LEU A 148 -0.86 -32.66 -0.05
N ARG A 149 -1.44 -33.83 -0.27
CA ARG A 149 -0.94 -34.74 -1.28
C ARG A 149 -1.11 -34.15 -2.68
N PHE A 150 -2.23 -33.45 -2.89
CA PHE A 150 -2.48 -32.84 -4.19
C PHE A 150 -1.45 -31.76 -4.50
N TYR A 151 -1.17 -30.88 -3.54
CA TYR A 151 -0.22 -29.80 -3.79
C TYR A 151 1.22 -30.32 -3.85
N GLN A 152 1.52 -31.38 -3.10
CA GLN A 152 2.85 -31.99 -3.20
C GLN A 152 3.11 -32.58 -4.58
N ASN A 153 2.10 -33.21 -5.18
CA ASN A 153 2.31 -33.89 -6.45
C ASN A 153 2.18 -32.99 -7.65
N TRP A 154 1.66 -31.78 -7.47
CA TRP A 154 1.46 -30.86 -8.58
C TRP A 154 2.80 -30.48 -9.21
N GLN A 155 2.86 -30.56 -10.54
CA GLN A 155 4.07 -30.21 -11.26
C GLN A 155 3.88 -28.91 -12.03
N PRO A 156 4.57 -27.83 -11.66
CA PRO A 156 4.39 -26.56 -12.38
C PRO A 156 4.89 -26.67 -13.81
N ALA A 157 4.16 -26.03 -14.71
CA ALA A 157 4.61 -25.93 -16.09
C ALA A 157 5.61 -24.80 -16.28
N TRP A 158 5.58 -23.81 -15.40
CA TRP A 158 6.32 -22.56 -15.56
C TRP A 158 7.00 -22.18 -14.26
N ALA A 159 8.00 -21.32 -14.37
CA ALA A 159 8.62 -20.72 -13.21
C ALA A 159 7.63 -19.77 -12.54
N PRO A 160 7.73 -19.57 -11.23
CA PRO A 160 6.78 -18.66 -10.58
C PRO A 160 6.96 -17.23 -11.07
N GLY A 161 5.83 -16.53 -11.14
CA GLY A 161 5.84 -15.14 -11.53
C GLY A 161 6.07 -14.87 -13.00
N THR A 162 5.73 -15.82 -13.88
CA THR A 162 5.90 -15.61 -15.31
C THR A 162 4.62 -15.70 -16.13
N GLN A 163 3.64 -16.52 -15.73
CA GLN A 163 2.39 -16.59 -16.47
C GLN A 163 1.22 -16.67 -15.49
N ARG A 164 0.08 -16.14 -15.92
CA ARG A 164 -1.15 -16.14 -15.13
C ARG A 164 -2.07 -17.23 -15.67
N LEU A 165 -2.60 -18.07 -14.79
CA LEU A 165 -3.62 -19.05 -15.14
C LEU A 165 -4.67 -19.02 -14.03
N TYR A 166 -5.84 -18.46 -14.33
CA TYR A 166 -6.90 -18.33 -13.32
C TYR A 166 -7.18 -19.69 -12.68
N ALA A 167 -7.27 -19.72 -11.34
CA ALA A 167 -7.28 -21.01 -10.67
C ALA A 167 -7.84 -20.94 -9.27
N ASN A 168 -8.86 -21.78 -9.00
CA ASN A 168 -9.41 -21.90 -7.64
C ASN A 168 -8.36 -22.49 -6.69
N SER A 169 -7.55 -23.42 -7.18
CA SER A 169 -6.56 -24.07 -6.33
C SER A 169 -5.45 -23.12 -5.92
N SER A 170 -5.34 -21.98 -6.57
CA SER A 170 -4.30 -20.98 -6.28
C SER A 170 -4.80 -20.01 -5.20
N ILE A 171 -5.82 -19.22 -5.53
CA ILE A 171 -6.30 -18.26 -4.54
C ILE A 171 -6.98 -18.98 -3.38
N GLY A 172 -7.53 -20.17 -3.62
CA GLY A 172 -8.09 -20.92 -2.50
C GLY A 172 -7.06 -21.26 -1.44
N LEU A 173 -5.88 -21.69 -1.87
CA LEU A 173 -4.82 -22.00 -0.92
C LEU A 173 -4.32 -20.74 -0.23
N PHE A 174 -4.24 -19.63 -0.97
CA PHE A 174 -3.88 -18.35 -0.35
C PHE A 174 -4.81 -18.03 0.80
N GLY A 175 -6.12 -18.16 0.58
CA GLY A 175 -7.08 -17.85 1.64
C GLY A 175 -6.91 -18.76 2.84
N ALA A 176 -6.68 -20.05 2.60
CA ALA A 176 -6.52 -20.97 3.72
C ALA A 176 -5.26 -20.67 4.52
N LEU A 177 -4.17 -20.34 3.83
CA LEU A 177 -2.93 -20.06 4.56
C LEU A 177 -2.98 -18.69 5.22
N ALA A 178 -3.67 -17.72 4.61
CA ALA A 178 -3.64 -16.37 5.13
C ALA A 178 -4.24 -16.29 6.53
N VAL A 179 -5.18 -17.19 6.85
CA VAL A 179 -5.83 -17.11 8.17
C VAL A 179 -5.13 -17.97 9.21
N LYS A 180 -4.11 -18.72 8.84
CA LYS A 180 -3.50 -19.63 9.82
C LYS A 180 -2.90 -18.92 11.03
N PRO A 181 -2.14 -17.82 10.89
CA PRO A 181 -1.61 -17.17 12.11
C PRO A 181 -2.68 -16.62 13.04
N SER A 182 -3.89 -16.37 12.53
CA SER A 182 -4.95 -15.84 13.37
C SER A 182 -5.53 -16.88 14.33
N GLY A 183 -5.32 -18.17 14.05
CA GLY A 183 -5.96 -19.24 14.79
C GLY A 183 -7.41 -19.48 14.45
N LEU A 184 -8.05 -18.58 13.73
CA LEU A 184 -9.46 -18.72 13.38
C LEU A 184 -9.61 -19.61 12.15
N SER A 185 -10.74 -20.31 12.10
CA SER A 185 -11.15 -20.92 10.83
C SER A 185 -11.36 -19.83 9.79
N PHE A 186 -11.27 -20.21 8.51
CA PHE A 186 -11.49 -19.24 7.44
C PHE A 186 -12.84 -18.55 7.57
N GLU A 187 -13.90 -19.34 7.80
CA GLU A 187 -15.23 -18.77 7.95
C GLU A 187 -15.31 -17.81 9.13
N GLN A 188 -14.71 -18.18 10.27
CA GLN A 188 -14.80 -17.31 11.45
C GLN A 188 -13.98 -16.04 11.27
N ALA A 189 -12.85 -16.13 10.55
CA ALA A 189 -12.08 -14.92 10.26
C ALA A 189 -12.86 -13.99 9.33
N MET A 190 -13.46 -14.55 8.29
CA MET A 190 -14.25 -13.76 7.35
C MET A 190 -15.41 -13.06 8.06
N GLN A 191 -16.10 -13.76 8.95
N GLN A 191 -16.11 -13.77 8.94
CA GLN A 191 -17.22 -13.13 9.65
CA GLN A 191 -17.22 -13.19 9.69
C GLN A 191 -16.76 -12.05 10.60
C GLN A 191 -16.73 -12.04 10.57
N THR A 192 -15.73 -12.32 11.40
CA THR A 192 -15.29 -11.38 12.42
C THR A 192 -14.57 -10.19 11.82
N ARG A 193 -13.81 -10.40 10.75
CA ARG A 193 -12.91 -9.37 10.27
C ARG A 193 -13.42 -8.63 9.04
N VAL A 194 -14.41 -9.17 8.33
CA VAL A 194 -14.91 -8.52 7.12
C VAL A 194 -16.41 -8.31 7.18
N PHE A 195 -17.19 -9.39 7.33
CA PHE A 195 -18.65 -9.27 7.26
C PHE A 195 -19.19 -8.38 8.37
N GLN A 196 -18.81 -8.68 9.62
CA GLN A 196 -19.38 -7.93 10.75
C GLN A 196 -18.98 -6.45 10.75
N PRO A 197 -17.70 -6.08 10.59
CA PRO A 197 -17.36 -4.65 10.56
C PRO A 197 -18.09 -3.87 9.47
N LEU A 198 -18.37 -4.49 8.33
CA LEU A 198 -19.04 -3.81 7.21
C LEU A 198 -20.55 -3.95 7.25
N LYS A 199 -21.11 -4.55 8.31
CA LYS A 199 -22.56 -4.72 8.47
C LYS A 199 -23.15 -5.56 7.34
N LEU A 200 -22.39 -6.56 6.88
CA LEU A 200 -22.88 -7.51 5.88
C LEU A 200 -23.53 -8.65 6.65
N ASN A 201 -24.75 -8.39 7.11
CA ASN A 201 -25.41 -9.29 8.04
C ASN A 201 -26.24 -10.36 7.35
N HIS A 202 -26.28 -10.37 6.02
CA HIS A 202 -26.99 -11.39 5.27
C HIS A 202 -26.07 -11.93 4.19
N THR A 203 -24.81 -12.15 4.57
CA THR A 203 -23.77 -12.70 3.72
C THR A 203 -23.17 -13.90 4.46
N TRP A 204 -23.06 -15.03 3.77
CA TRP A 204 -22.84 -16.33 4.39
C TRP A 204 -21.89 -17.17 3.56
N ILE A 205 -20.99 -17.88 4.25
CA ILE A 205 -20.28 -18.97 3.59
C ILE A 205 -21.13 -20.24 3.64
N ASN A 206 -21.83 -20.45 4.75
CA ASN A 206 -22.82 -21.52 4.87
C ASN A 206 -24.16 -20.88 5.19
N VAL A 207 -25.16 -21.15 4.37
CA VAL A 207 -26.46 -20.51 4.60
C VAL A 207 -27.11 -21.16 5.81
N PRO A 208 -27.47 -20.40 6.84
CA PRO A 208 -28.12 -20.99 8.02
C PRO A 208 -29.56 -21.38 7.72
N PRO A 209 -30.11 -22.35 8.45
CA PRO A 209 -31.50 -22.75 8.18
C PRO A 209 -32.49 -21.62 8.27
N ALA A 210 -32.25 -20.62 9.13
CA ALA A 210 -33.18 -19.49 9.26
C ALA A 210 -33.25 -18.67 7.98
N GLU A 211 -32.26 -18.78 7.11
CA GLU A 211 -32.23 -17.95 5.92
C GLU A 211 -32.56 -18.74 4.65
N GLU A 212 -32.88 -20.03 4.77
CA GLU A 212 -33.10 -20.84 3.58
C GLU A 212 -34.33 -20.42 2.80
N LYS A 213 -35.32 -19.80 3.47
CA LYS A 213 -36.48 -19.28 2.76
C LYS A 213 -36.08 -18.25 1.71
N ASN A 214 -34.92 -17.60 1.88
CA ASN A 214 -34.45 -16.57 0.98
C ASN A 214 -33.41 -17.06 -0.02
N TYR A 215 -32.95 -18.30 0.10
CA TYR A 215 -31.88 -18.82 -0.74
C TYR A 215 -32.47 -19.21 -2.09
N ALA A 216 -32.17 -18.42 -3.12
CA ALA A 216 -32.62 -18.74 -4.47
C ALA A 216 -32.08 -20.09 -4.91
N TRP A 217 -32.83 -20.76 -5.78
CA TRP A 217 -32.28 -21.89 -6.53
C TRP A 217 -31.51 -21.39 -7.75
N GLY A 218 -30.40 -22.06 -8.07
CA GLY A 218 -29.81 -21.87 -9.39
C GLY A 218 -30.45 -22.77 -10.41
N TYR A 219 -30.29 -22.43 -11.69
CA TYR A 219 -30.94 -23.18 -12.76
C TYR A 219 -29.92 -23.52 -13.83
N ARG A 220 -29.69 -24.82 -14.02
N ARG A 220 -29.67 -24.81 -14.00
CA ARG A 220 -28.76 -25.32 -15.02
CA ARG A 220 -28.76 -25.31 -15.03
C ARG A 220 -29.49 -26.36 -15.86
C ARG A 220 -29.51 -26.35 -15.85
N GLU A 221 -29.63 -26.08 -17.16
CA GLU A 221 -30.39 -26.94 -18.07
C GLU A 221 -31.81 -27.20 -17.55
N GLY A 222 -32.40 -26.16 -16.95
CA GLY A 222 -33.75 -26.24 -16.42
C GLY A 222 -33.90 -26.88 -15.06
N LYS A 223 -32.82 -27.41 -14.48
N LYS A 223 -32.82 -27.39 -14.47
CA LYS A 223 -32.87 -28.10 -13.20
CA LYS A 223 -32.89 -28.10 -13.20
C LYS A 223 -32.45 -27.16 -12.08
C LYS A 223 -32.43 -27.19 -12.06
N ALA A 224 -33.18 -27.18 -10.98
CA ALA A 224 -32.83 -26.37 -9.81
C ALA A 224 -31.62 -26.99 -9.08
N VAL A 225 -30.60 -26.17 -8.82
CA VAL A 225 -29.32 -26.67 -8.32
C VAL A 225 -28.72 -25.66 -7.35
N HIS A 226 -28.02 -26.18 -6.34
CA HIS A 226 -27.17 -25.39 -5.46
C HIS A 226 -25.73 -25.89 -5.58
N VAL A 227 -24.78 -25.00 -5.28
CA VAL A 227 -23.37 -25.40 -5.38
C VAL A 227 -23.07 -26.55 -4.42
N SER A 228 -22.28 -27.56 -4.92
CA SER A 228 -21.94 -28.71 -4.10
C SER A 228 -20.67 -28.43 -3.29
N PRO A 229 -20.53 -29.09 -2.13
CA PRO A 229 -19.32 -28.92 -1.32
C PRO A 229 -18.07 -29.35 -2.07
N GLY A 230 -16.96 -28.70 -1.76
CA GLY A 230 -15.68 -29.04 -2.36
C GLY A 230 -14.54 -28.52 -1.55
N ALA A 231 -13.35 -29.08 -1.80
CA ALA A 231 -12.18 -28.59 -1.10
C ALA A 231 -11.93 -27.13 -1.47
N LEU A 232 -11.60 -26.32 -0.46
CA LEU A 232 -11.34 -24.88 -0.61
C LEU A 232 -12.51 -24.13 -1.24
N ASP A 233 -13.74 -24.65 -1.10
CA ASP A 233 -14.89 -23.97 -1.67
C ASP A 233 -15.15 -22.62 -1.00
N ALA A 234 -15.04 -22.57 0.33
CA ALA A 234 -15.30 -21.30 1.02
C ALA A 234 -14.37 -20.21 0.53
N GLU A 235 -13.10 -20.56 0.27
CA GLU A 235 -12.08 -19.59 -0.09
C GLU A 235 -12.13 -19.16 -1.55
N ALA A 236 -12.63 -20.00 -2.45
CA ALA A 236 -12.61 -19.69 -3.87
C ALA A 236 -13.98 -19.35 -4.46
N TYR A 237 -15.07 -19.91 -3.95
CA TYR A 237 -16.35 -19.63 -4.61
C TYR A 237 -17.55 -19.80 -3.69
N GLY A 238 -17.36 -19.65 -2.41
CA GLY A 238 -18.36 -20.11 -1.46
C GLY A 238 -19.28 -19.09 -0.81
N VAL A 239 -19.25 -17.83 -1.19
CA VAL A 239 -20.08 -16.83 -0.51
C VAL A 239 -21.45 -16.72 -1.17
N LYS A 240 -22.47 -16.51 -0.34
CA LYS A 240 -23.83 -16.22 -0.81
C LYS A 240 -24.22 -14.89 -0.19
N SER A 241 -24.97 -14.06 -0.93
CA SER A 241 -25.27 -12.72 -0.43
C SER A 241 -26.52 -12.16 -1.11
N THR A 242 -27.10 -11.13 -0.49
CA THR A 242 -28.22 -10.38 -1.03
C THR A 242 -27.73 -9.18 -1.85
N ILE A 243 -28.65 -8.61 -2.63
CA ILE A 243 -28.30 -7.42 -3.41
C ILE A 243 -28.01 -6.23 -2.49
N GLU A 244 -28.65 -6.17 -1.31
CA GLU A 244 -28.36 -5.05 -0.41
C GLU A 244 -26.95 -5.17 0.16
N ASP A 245 -26.57 -6.37 0.59
CA ASP A 245 -25.23 -6.54 1.13
C ASP A 245 -24.16 -6.34 0.06
N MET A 246 -24.45 -6.74 -1.17
CA MET A 246 -23.46 -6.54 -2.23
C MET A 246 -23.32 -5.07 -2.57
N ALA A 247 -24.40 -4.29 -2.52
CA ALA A 247 -24.25 -2.85 -2.71
C ALA A 247 -23.35 -2.26 -1.61
N ARG A 248 -23.51 -2.71 -0.37
CA ARG A 248 -22.66 -2.24 0.71
C ARG A 248 -21.21 -2.67 0.52
N TRP A 249 -21.01 -3.89 -0.01
CA TRP A 249 -19.66 -4.30 -0.41
C TRP A 249 -19.06 -3.34 -1.44
N VAL A 250 -19.84 -2.97 -2.47
CA VAL A 250 -19.32 -2.04 -3.47
C VAL A 250 -19.02 -0.67 -2.84
N GLN A 251 -19.94 -0.16 -1.99
CA GLN A 251 -19.68 1.11 -1.31
C GLN A 251 -18.38 1.07 -0.51
N SER A 252 -18.14 -0.03 0.21
CA SER A 252 -16.94 -0.18 1.00
C SER A 252 -15.68 -0.18 0.12
N ASN A 253 -15.75 -0.81 -1.05
CA ASN A 253 -14.59 -0.84 -1.92
C ASN A 253 -14.44 0.44 -2.71
N LEU A 254 -15.51 1.22 -2.86
CA LEU A 254 -15.40 2.53 -3.51
C LEU A 254 -14.69 3.54 -2.61
N LYS A 255 -14.97 3.51 -1.31
CA LYS A 255 -14.44 4.47 -0.35
C LYS A 255 -13.90 3.75 0.87
N PRO A 256 -12.74 3.11 0.75
CA PRO A 256 -12.19 2.37 1.90
C PRO A 256 -11.85 3.27 3.09
N LEU A 257 -11.55 4.54 2.86
CA LEU A 257 -11.13 5.43 3.95
C LEU A 257 -12.27 5.78 4.90
N ASP A 258 -13.52 5.63 4.46
CA ASP A 258 -14.65 5.79 5.36
C ASP A 258 -14.80 4.65 6.35
N ILE A 259 -14.06 3.57 6.16
CA ILE A 259 -14.11 2.42 7.06
C ILE A 259 -13.27 2.73 8.29
N ASN A 260 -13.83 2.52 9.47
CA ASN A 260 -13.14 2.91 10.69
C ASN A 260 -12.16 1.87 11.20
N GLU A 261 -12.37 0.61 10.88
CA GLU A 261 -11.40 -0.42 11.24
C GLU A 261 -10.15 -0.25 10.38
N LYS A 262 -9.01 -0.02 11.03
CA LYS A 262 -7.82 0.44 10.31
C LYS A 262 -7.27 -0.63 9.39
N THR A 263 -7.11 -1.86 9.89
N THR A 263 -7.12 -1.87 9.89
CA THR A 263 -6.51 -2.90 9.06
CA THR A 263 -6.52 -2.90 9.06
C THR A 263 -7.44 -3.30 7.92
C THR A 263 -7.45 -3.31 7.92
N LEU A 264 -8.76 -3.18 8.11
CA LEU A 264 -9.69 -3.52 7.04
C LEU A 264 -9.64 -2.46 5.94
N GLN A 265 -9.58 -1.19 6.34
CA GLN A 265 -9.35 -0.11 5.39
C GLN A 265 -8.12 -0.40 4.53
N GLN A 266 -7.00 -0.75 5.17
N GLN A 266 -7.01 -0.75 5.18
CA GLN A 266 -5.79 -1.02 4.42
CA GLN A 266 -5.77 -1.03 4.45
C GLN A 266 -5.93 -2.27 3.56
C GLN A 266 -5.92 -2.28 3.58
N GLY A 267 -6.59 -3.31 4.09
CA GLY A 267 -6.75 -4.54 3.33
C GLY A 267 -7.53 -4.35 2.04
N ILE A 268 -8.55 -3.48 2.07
CA ILE A 268 -9.28 -3.17 0.85
C ILE A 268 -8.37 -2.45 -0.13
N GLN A 269 -7.58 -1.50 0.35
CA GLN A 269 -6.61 -0.82 -0.51
C GLN A 269 -5.59 -1.78 -1.11
N LEU A 270 -5.13 -2.77 -0.32
CA LEU A 270 -4.17 -3.73 -0.87
C LEU A 270 -4.78 -4.62 -1.95
N ALA A 271 -6.06 -4.96 -1.81
CA ALA A 271 -6.65 -5.83 -2.82
C ALA A 271 -6.87 -5.12 -4.15
N GLN A 272 -6.90 -3.79 -4.15
CA GLN A 272 -7.02 -3.03 -5.39
C GLN A 272 -5.69 -2.54 -5.93
N SER A 273 -4.58 -2.95 -5.32
CA SER A 273 -3.27 -2.64 -5.88
C SER A 273 -3.01 -3.48 -7.13
N ARG A 274 -2.18 -2.96 -8.03
CA ARG A 274 -1.88 -3.61 -9.32
C ARG A 274 -0.56 -4.36 -9.21
N TYR A 275 -0.63 -5.69 -9.23
CA TYR A 275 0.54 -6.53 -9.02
C TYR A 275 1.16 -7.05 -10.31
N TRP A 276 0.33 -7.28 -11.33
CA TRP A 276 0.75 -7.87 -12.59
C TRP A 276 -0.07 -7.25 -13.70
N GLN A 277 0.49 -7.20 -14.90
CA GLN A 277 -0.23 -6.70 -16.06
C GLN A 277 -0.23 -7.76 -17.15
N THR A 278 -1.41 -7.98 -17.73
CA THR A 278 -1.55 -8.82 -18.92
C THR A 278 -2.47 -8.08 -19.88
N GLY A 279 -1.92 -7.64 -21.01
N GLY A 279 -1.92 -7.64 -21.01
CA GLY A 279 -2.69 -6.81 -21.91
CA GLY A 279 -2.70 -6.81 -21.91
C GLY A 279 -3.08 -5.50 -21.23
C GLY A 279 -3.08 -5.51 -21.26
N ASP A 280 -4.38 -5.21 -21.25
CA ASP A 280 -4.91 -4.01 -20.63
C ASP A 280 -5.37 -4.25 -19.19
N MET A 281 -5.23 -5.47 -18.69
CA MET A 281 -5.77 -5.83 -17.39
C MET A 281 -4.67 -5.88 -16.34
N TYR A 282 -5.01 -5.45 -15.11
CA TYR A 282 -4.13 -5.53 -13.96
C TYR A 282 -4.75 -6.45 -12.92
N GLN A 283 -3.93 -7.31 -12.32
CA GLN A 283 -4.39 -8.28 -11.34
C GLN A 283 -4.21 -7.73 -9.93
N GLY A 284 -5.32 -7.67 -9.18
CA GLY A 284 -5.29 -7.37 -7.76
C GLY A 284 -5.33 -8.63 -6.91
N LEU A 285 -5.77 -8.47 -5.66
CA LEU A 285 -6.09 -9.63 -4.83
C LEU A 285 -7.59 -9.86 -4.97
N GLY A 286 -7.96 -10.80 -5.83
CA GLY A 286 -9.37 -11.02 -6.12
C GLY A 286 -9.87 -10.08 -7.21
N TRP A 287 -9.88 -8.77 -6.91
CA TRP A 287 -10.29 -7.81 -7.92
C TRP A 287 -9.34 -7.83 -9.12
N GLU A 288 -9.89 -7.48 -10.28
CA GLU A 288 -9.14 -7.22 -11.50
C GLU A 288 -9.45 -5.79 -11.93
N MET A 289 -8.48 -5.12 -12.57
CA MET A 289 -8.66 -3.71 -12.85
C MET A 289 -8.19 -3.35 -14.25
N LEU A 290 -8.83 -2.32 -14.82
CA LEU A 290 -8.35 -1.66 -16.03
C LEU A 290 -8.37 -0.16 -15.81
N ASP A 291 -7.52 0.55 -16.56
CA ASP A 291 -7.52 2.00 -16.53
C ASP A 291 -8.85 2.54 -17.03
N TRP A 292 -9.43 3.49 -16.28
CA TRP A 292 -10.63 4.18 -16.70
C TRP A 292 -10.27 5.51 -17.36
N PRO A 293 -10.89 5.87 -18.49
CA PRO A 293 -11.97 5.19 -19.24
C PRO A 293 -11.54 3.90 -19.94
N VAL A 294 -12.43 2.91 -19.99
CA VAL A 294 -12.15 1.62 -20.60
C VAL A 294 -12.87 1.54 -21.93
N ASN A 295 -12.18 1.00 -22.92
CA ASN A 295 -12.84 0.53 -24.12
C ASN A 295 -13.70 -0.68 -23.73
N PRO A 296 -15.00 -0.68 -24.02
CA PRO A 296 -15.83 -1.83 -23.64
C PRO A 296 -15.35 -3.15 -24.23
N ASP A 297 -14.86 -3.14 -25.47
CA ASP A 297 -14.41 -4.38 -26.08
C ASP A 297 -13.15 -4.93 -25.41
N SER A 298 -12.41 -4.10 -24.67
CA SER A 298 -11.29 -4.60 -23.89
C SER A 298 -11.74 -5.38 -22.66
N ILE A 299 -12.89 -5.03 -22.10
CA ILE A 299 -13.45 -5.79 -20.98
C ILE A 299 -14.44 -6.85 -21.48
N ILE A 300 -15.25 -6.52 -22.49
CA ILE A 300 -16.28 -7.46 -22.94
C ILE A 300 -15.64 -8.73 -23.48
N ASN A 301 -14.69 -8.59 -24.41
CA ASN A 301 -13.93 -9.76 -24.85
C ASN A 301 -12.84 -10.15 -23.87
N GLY A 302 -12.43 -9.25 -22.97
CA GLY A 302 -11.31 -9.52 -22.08
C GLY A 302 -11.64 -10.43 -20.92
N SER A 303 -12.93 -10.65 -20.64
CA SER A 303 -13.36 -11.51 -19.54
C SER A 303 -14.08 -12.76 -20.03
N ASP A 304 -14.24 -12.92 -21.35
CA ASP A 304 -15.02 -13.99 -21.96
C ASP A 304 -14.60 -15.36 -21.43
N ASN A 305 -15.57 -16.11 -20.89
CA ASN A 305 -15.33 -17.44 -20.35
C ASN A 305 -15.75 -18.54 -21.32
N LYS A 306 -15.86 -18.24 -22.62
CA LYS A 306 -15.89 -19.33 -23.60
C LYS A 306 -14.61 -20.14 -23.57
N ILE A 307 -13.54 -19.57 -23.00
CA ILE A 307 -12.24 -20.25 -22.92
C ILE A 307 -12.16 -20.94 -21.56
N ALA A 308 -11.90 -22.24 -21.57
CA ALA A 308 -11.82 -23.02 -20.34
C ALA A 308 -10.49 -22.86 -19.63
N LEU A 309 -9.43 -22.54 -20.37
CA LEU A 309 -8.08 -22.36 -19.83
C LEU A 309 -7.40 -21.32 -20.69
N ALA A 310 -6.96 -20.22 -20.08
CA ALA A 310 -6.30 -19.13 -20.83
C ALA A 310 -4.99 -18.79 -20.12
N ALA A 311 -3.88 -19.30 -20.64
CA ALA A 311 -2.57 -19.01 -20.07
C ALA A 311 -2.02 -17.74 -20.72
N ARG A 312 -1.60 -16.79 -19.90
CA ARG A 312 -1.15 -15.49 -20.39
C ARG A 312 0.15 -15.09 -19.71
N PRO A 313 1.15 -14.62 -20.46
CA PRO A 313 2.35 -14.07 -19.83
C PRO A 313 2.00 -12.81 -19.05
N VAL A 314 2.69 -12.61 -17.92
CA VAL A 314 2.45 -11.45 -17.06
C VAL A 314 3.74 -10.64 -16.94
N LYS A 315 3.56 -9.33 -16.83
CA LYS A 315 4.63 -8.41 -16.49
C LYS A 315 4.47 -8.01 -15.04
N ALA A 316 5.53 -8.16 -14.25
CA ALA A 316 5.48 -7.73 -12.87
C ALA A 316 5.43 -6.21 -12.78
N ILE A 317 4.59 -5.70 -11.90
CA ILE A 317 4.52 -4.28 -11.59
C ILE A 317 5.37 -4.09 -10.32
N THR A 318 6.56 -3.52 -10.51
CA THR A 318 7.60 -3.51 -9.47
C THR A 318 7.93 -2.09 -9.05
N PRO A 319 7.46 -1.62 -7.89
CA PRO A 319 6.57 -2.31 -6.94
C PRO A 319 5.11 -2.14 -7.37
N PRO A 320 4.18 -2.88 -6.76
CA PRO A 320 2.78 -2.75 -7.14
C PRO A 320 2.27 -1.32 -7.00
N THR A 321 1.40 -0.94 -7.93
CA THR A 321 0.78 0.39 -7.92
C THR A 321 -0.34 0.42 -6.89
N PRO A 322 -0.31 1.34 -5.93
CA PRO A 322 -1.44 1.47 -5.01
C PRO A 322 -2.73 1.75 -5.76
N ALA A 323 -3.84 1.40 -5.11
CA ALA A 323 -5.17 1.49 -5.70
C ALA A 323 -5.37 2.78 -6.48
N VAL A 324 -5.61 2.65 -7.79
CA VAL A 324 -5.80 3.78 -8.68
C VAL A 324 -7.28 4.13 -8.73
N ARG A 325 -7.64 5.33 -8.30
CA ARG A 325 -9.05 5.71 -8.28
C ARG A 325 -9.63 5.78 -9.70
N ALA A 326 -8.79 6.04 -10.70
CA ALA A 326 -9.26 6.10 -12.09
C ALA A 326 -9.19 4.73 -12.75
N SER A 327 -9.96 3.79 -12.21
CA SER A 327 -9.96 2.40 -12.65
C SER A 327 -11.38 1.89 -12.83
N TRP A 328 -11.52 0.94 -13.74
CA TRP A 328 -12.67 0.03 -13.77
C TRP A 328 -12.27 -1.22 -13.00
N VAL A 329 -12.83 -1.40 -11.80
CA VAL A 329 -12.53 -2.54 -10.93
C VAL A 329 -13.68 -3.52 -11.05
N HIS A 330 -13.41 -4.79 -11.31
CA HIS A 330 -14.52 -5.70 -11.54
C HIS A 330 -14.16 -7.14 -11.22
N LYS A 331 -15.19 -7.98 -11.21
CA LYS A 331 -15.04 -9.42 -11.05
C LYS A 331 -16.32 -10.11 -11.52
N THR A 332 -16.15 -11.12 -12.37
CA THR A 332 -17.23 -12.03 -12.75
C THR A 332 -17.22 -13.24 -11.82
N GLY A 333 -18.38 -13.87 -11.70
N GLY A 333 -18.37 -13.87 -11.69
CA GLY A 333 -18.47 -15.07 -10.89
CA GLY A 333 -18.46 -15.08 -10.89
C GLY A 333 -19.54 -16.00 -11.39
C GLY A 333 -19.55 -16.00 -11.38
N ALA A 334 -19.30 -17.30 -11.24
CA ALA A 334 -20.30 -18.27 -11.63
C ALA A 334 -20.24 -19.49 -10.73
N THR A 335 -21.39 -20.11 -10.55
CA THR A 335 -21.51 -21.49 -10.13
C THR A 335 -22.30 -22.21 -11.20
N GLY A 336 -22.58 -23.50 -10.96
CA GLY A 336 -23.35 -24.25 -11.93
C GLY A 336 -24.66 -23.58 -12.29
N GLY A 337 -25.29 -22.94 -11.32
CA GLY A 337 -26.61 -22.38 -11.57
C GLY A 337 -26.73 -20.88 -11.42
N PHE A 338 -25.62 -20.17 -11.23
CA PHE A 338 -25.66 -18.74 -10.94
C PHE A 338 -24.61 -17.99 -11.73
N GLY A 339 -24.92 -16.72 -12.02
N GLY A 339 -24.91 -16.72 -12.02
CA GLY A 339 -24.00 -15.84 -12.71
CA GLY A 339 -23.98 -15.84 -12.71
C GLY A 339 -24.02 -14.45 -12.10
C GLY A 339 -24.02 -14.45 -12.12
N SER A 340 -22.87 -13.97 -11.66
CA SER A 340 -22.76 -12.71 -10.94
C SER A 340 -21.73 -11.80 -11.59
N TYR A 341 -21.89 -10.50 -11.36
CA TYR A 341 -20.94 -9.51 -11.86
C TYR A 341 -20.96 -8.28 -10.98
N VAL A 342 -19.76 -7.76 -10.68
CA VAL A 342 -19.59 -6.52 -9.92
C VAL A 342 -18.58 -5.66 -10.66
N ALA A 343 -18.91 -4.37 -10.83
CA ALA A 343 -17.95 -3.41 -11.39
C ALA A 343 -18.16 -2.05 -10.75
N PHE A 344 -17.07 -1.32 -10.51
CA PHE A 344 -17.22 0.01 -9.93
C PHE A 344 -16.06 0.89 -10.35
N ILE A 345 -16.29 2.20 -10.30
N ILE A 345 -16.30 2.19 -10.32
CA ILE A 345 -15.31 3.19 -10.73
CA ILE A 345 -15.30 3.19 -10.72
C ILE A 345 -15.06 4.17 -9.59
C ILE A 345 -15.09 4.13 -9.55
N PRO A 346 -13.97 4.02 -8.82
CA PRO A 346 -13.82 4.83 -7.60
C PRO A 346 -13.85 6.34 -7.84
N GLU A 347 -13.27 6.81 -8.93
CA GLU A 347 -13.20 8.25 -9.16
C GLU A 347 -14.57 8.85 -9.47
N LYS A 348 -15.53 8.04 -9.89
CA LYS A 348 -16.88 8.51 -10.19
C LYS A 348 -17.88 8.19 -9.09
N GLU A 349 -17.46 7.50 -8.02
CA GLU A 349 -18.42 7.06 -6.97
C GLU A 349 -19.56 6.33 -7.68
N LEU A 350 -19.22 5.38 -8.56
CA LEU A 350 -20.21 4.73 -9.40
C LEU A 350 -19.97 3.22 -9.39
N GLY A 351 -21.03 2.43 -9.34
CA GLY A 351 -20.84 0.99 -9.38
C GLY A 351 -22.14 0.24 -9.67
N ILE A 352 -21.99 -1.05 -9.92
CA ILE A 352 -23.15 -1.89 -10.23
C ILE A 352 -22.89 -3.30 -9.72
N VAL A 353 -23.95 -3.97 -9.30
CA VAL A 353 -23.95 -5.39 -8.95
C VAL A 353 -25.07 -6.08 -9.73
N MET A 354 -24.75 -7.18 -10.39
CA MET A 354 -25.75 -7.96 -11.12
C MET A 354 -25.72 -9.40 -10.62
N LEU A 355 -26.82 -9.86 -10.04
CA LEU A 355 -26.92 -11.21 -9.48
C LEU A 355 -28.03 -11.95 -10.21
N ALA A 356 -27.71 -13.11 -10.79
CA ALA A 356 -28.70 -13.88 -11.54
C ALA A 356 -28.62 -15.35 -11.15
N ASN A 357 -29.75 -16.05 -11.23
CA ASN A 357 -29.75 -17.49 -10.93
C ASN A 357 -29.77 -18.33 -12.19
N LYS A 358 -28.96 -17.90 -13.16
CA LYS A 358 -28.52 -18.70 -14.29
C LYS A 358 -27.10 -18.27 -14.62
N ASN A 359 -26.25 -19.22 -15.00
CA ASN A 359 -24.88 -18.93 -15.43
C ASN A 359 -24.89 -18.64 -16.93
N TYR A 360 -25.02 -17.36 -17.28
CA TYR A 360 -25.13 -16.90 -18.66
C TYR A 360 -23.84 -16.20 -19.11
N PRO A 361 -23.60 -16.02 -20.42
CA PRO A 361 -22.26 -15.63 -20.88
C PRO A 361 -21.74 -14.32 -20.29
N ASN A 362 -20.46 -14.36 -19.88
CA ASN A 362 -19.79 -13.17 -19.36
C ASN A 362 -19.85 -11.95 -20.26
N PRO A 363 -19.68 -12.06 -21.59
CA PRO A 363 -19.74 -10.84 -22.41
C PRO A 363 -21.05 -10.08 -22.26
N ALA A 364 -22.17 -10.81 -22.10
CA ALA A 364 -23.47 -10.19 -21.93
C ALA A 364 -23.59 -9.48 -20.59
N ARG A 365 -22.94 -9.99 -19.54
CA ARG A 365 -22.88 -9.28 -18.26
C ARG A 365 -22.14 -7.96 -18.41
N VAL A 366 -20.92 -8.01 -18.97
CA VAL A 366 -20.08 -6.82 -19.05
C VAL A 366 -20.73 -5.78 -19.95
N ASP A 367 -21.34 -6.22 -21.06
CA ASP A 367 -21.98 -5.30 -21.98
C ASP A 367 -23.10 -4.54 -21.29
N ALA A 368 -23.95 -5.26 -20.54
CA ALA A 368 -25.04 -4.62 -19.81
C ALA A 368 -24.52 -3.66 -18.75
N ALA A 369 -23.50 -4.08 -17.99
CA ALA A 369 -22.93 -3.22 -16.96
C ALA A 369 -22.34 -1.96 -17.58
N TRP A 370 -21.63 -2.09 -18.71
CA TRP A 370 -21.05 -0.93 -19.34
C TRP A 370 -22.11 0.02 -19.87
N GLN A 371 -23.17 -0.51 -20.48
CA GLN A 371 -24.25 0.34 -20.98
C GLN A 371 -24.82 1.19 -19.85
N ILE A 372 -24.98 0.60 -18.66
CA ILE A 372 -25.58 1.32 -17.54
C ILE A 372 -24.61 2.33 -16.96
N LEU A 373 -23.38 1.92 -16.65
CA LEU A 373 -22.45 2.85 -16.01
C LEU A 373 -22.03 3.96 -16.98
N ASN A 374 -21.81 3.62 -18.25
CA ASN A 374 -21.47 4.67 -19.21
C ASN A 374 -22.57 5.72 -19.30
N ALA A 375 -23.83 5.28 -19.29
CA ALA A 375 -24.95 6.23 -19.35
C ALA A 375 -24.95 7.18 -18.16
N LEU A 376 -24.47 6.73 -17.00
CA LEU A 376 -24.59 7.51 -15.78
C LEU A 376 -23.34 8.32 -15.44
N GLN A 377 -22.22 8.07 -16.10
CA GLN A 377 -20.97 8.77 -15.74
C GLN A 377 -20.84 10.13 -16.40
N ALA B 20 6.49 17.90 32.26
CA ALA B 20 6.56 16.51 31.84
C ALA B 20 6.57 15.58 33.04
N PRO B 21 6.10 14.35 32.85
CA PRO B 21 6.25 13.33 33.89
C PRO B 21 7.70 13.20 34.36
N GLN B 22 7.87 12.95 35.65
CA GLN B 22 9.20 12.86 36.25
C GLN B 22 10.06 11.80 35.55
N GLN B 23 9.44 10.69 35.13
CA GLN B 23 10.18 9.63 34.46
C GLN B 23 10.82 10.13 33.16
N ILE B 24 10.13 11.00 32.43
CA ILE B 24 10.69 11.55 31.20
C ILE B 24 11.77 12.58 31.53
N ASN B 25 11.50 13.51 32.45
CA ASN B 25 12.51 14.49 32.84
C ASN B 25 13.79 13.82 33.30
N ASP B 26 13.66 12.72 34.06
CA ASP B 26 14.82 12.07 34.65
C ASP B 26 15.71 11.46 33.58
N ILE B 27 15.14 10.66 32.67
CA ILE B 27 15.98 9.98 31.68
C ILE B 27 16.54 10.98 30.68
N VAL B 28 15.76 12.00 30.32
CA VAL B 28 16.27 13.00 29.38
C VAL B 28 17.46 13.76 29.99
N HIS B 29 17.30 14.21 31.24
CA HIS B 29 18.38 14.97 31.87
C HIS B 29 19.61 14.12 32.11
N ARG B 30 19.43 12.84 32.42
CA ARG B 30 20.58 11.97 32.66
C ARG B 30 21.27 11.55 31.38
N THR B 31 20.60 11.70 30.24
CA THR B 31 21.15 11.25 28.96
C THR B 31 21.63 12.41 28.09
N ILE B 32 20.76 13.39 27.81
CA ILE B 32 21.11 14.44 26.87
C ILE B 32 22.06 15.45 27.51
N THR B 33 21.82 15.84 28.77
CA THR B 33 22.68 16.88 29.34
C THR B 33 24.14 16.46 29.39
N PRO B 34 24.50 15.24 29.80
CA PRO B 34 25.90 14.82 29.67
C PRO B 34 26.37 14.68 28.24
N LEU B 35 25.50 14.26 27.32
CA LEU B 35 25.87 14.19 25.90
C LEU B 35 26.34 15.54 25.39
N ILE B 36 25.63 16.61 25.77
CA ILE B 36 25.99 17.95 25.35
C ILE B 36 27.36 18.34 25.89
N GLU B 37 27.65 17.96 27.15
CA GLU B 37 28.97 18.25 27.70
C GLU B 37 30.07 17.45 27.01
N GLN B 38 29.82 16.17 26.72
CA GLN B 38 30.82 15.31 26.10
C GLN B 38 31.15 15.76 24.68
N GLN B 39 30.15 16.22 23.94
CA GLN B 39 30.30 16.58 22.54
C GLN B 39 30.51 18.07 22.33
N LYS B 40 30.46 18.86 23.40
CA LYS B 40 30.58 20.32 23.37
C LYS B 40 29.59 20.95 22.38
N ILE B 41 28.33 20.55 22.51
CA ILE B 41 27.23 21.04 21.69
C ILE B 41 26.76 22.41 22.16
N PRO B 42 26.76 23.42 21.29
CA PRO B 42 26.40 24.78 21.75
C PRO B 42 24.94 24.94 22.14
N GLY B 43 24.03 24.40 21.33
CA GLY B 43 22.60 24.50 21.62
C GLY B 43 21.90 23.25 21.12
N MET B 44 20.85 22.87 21.83
CA MET B 44 20.14 21.64 21.53
C MET B 44 18.67 21.77 21.89
N ALA B 45 17.81 21.18 21.07
CA ALA B 45 16.40 21.03 21.42
C ALA B 45 15.99 19.58 21.23
N VAL B 46 15.19 19.08 22.16
CA VAL B 46 14.72 17.70 22.13
C VAL B 46 13.21 17.68 22.32
N ALA B 47 12.51 16.82 21.57
CA ALA B 47 11.11 16.54 21.84
C ALA B 47 10.98 15.05 22.11
N VAL B 48 10.26 14.69 23.17
CA VAL B 48 9.87 13.31 23.42
C VAL B 48 8.37 13.19 23.24
N ILE B 49 7.95 12.23 22.42
CA ILE B 49 6.52 11.96 22.23
C ILE B 49 6.21 10.71 23.05
N TYR B 50 5.33 10.87 24.05
CA TYR B 50 5.06 9.80 25.00
C TYR B 50 3.55 9.64 25.09
N GLN B 51 3.08 8.41 24.84
CA GLN B 51 1.64 8.16 24.72
C GLN B 51 0.99 9.20 23.81
N GLY B 52 1.68 9.52 22.71
CA GLY B 52 1.17 10.42 21.70
C GLY B 52 1.34 11.90 21.96
N LYS B 53 1.78 12.31 23.15
CA LYS B 53 1.87 13.71 23.58
C LYS B 53 3.32 14.20 23.57
N PRO B 54 3.57 15.42 23.10
CA PRO B 54 4.94 15.95 23.05
C PRO B 54 5.36 16.69 24.32
N TYR B 55 6.63 16.50 24.66
CA TYR B 55 7.32 17.20 25.74
C TYR B 55 8.62 17.75 25.20
N TYR B 56 8.99 18.95 25.64
CA TYR B 56 10.05 19.72 25.00
C TYR B 56 11.15 20.09 25.99
N PHE B 57 12.40 20.05 25.51
CA PHE B 57 13.57 20.29 26.34
C PHE B 57 14.56 21.15 25.56
N THR B 58 15.18 22.13 26.23
CA THR B 58 16.12 23.01 25.53
C THR B 58 17.38 23.24 26.35
N TRP B 59 18.49 23.43 25.64
CA TRP B 59 19.78 23.73 26.23
C TRP B 59 20.54 24.74 25.37
N GLY B 60 21.21 25.67 26.01
CA GLY B 60 22.27 26.43 25.35
C GLY B 60 21.78 27.51 24.38
N TYR B 61 22.61 27.76 23.37
CA TYR B 61 22.47 28.93 22.51
C TYR B 61 22.22 28.54 21.06
N ALA B 62 21.28 29.25 20.42
CA ALA B 62 21.12 29.21 18.97
C ALA B 62 22.17 30.08 18.27
N ASP B 63 22.64 31.12 18.96
CA ASP B 63 23.63 32.06 18.45
C ASP B 63 24.55 32.40 19.61
N ILE B 64 25.78 31.88 19.58
CA ILE B 64 26.69 31.99 20.72
C ILE B 64 27.08 33.44 20.95
N ALA B 65 27.46 34.15 19.88
CA ALA B 65 27.94 35.52 20.03
C ALA B 65 26.85 36.43 20.58
N LYS B 66 25.62 36.30 20.09
CA LYS B 66 24.52 37.13 20.57
C LYS B 66 23.86 36.56 21.81
N LYS B 67 24.29 35.39 22.28
CA LYS B 67 23.72 34.73 23.46
C LYS B 67 22.20 34.56 23.31
N GLN B 68 21.77 34.28 22.09
N GLN B 68 21.76 34.27 22.10
CA GLN B 68 20.37 33.97 21.86
CA GLN B 68 20.36 33.97 21.84
C GLN B 68 20.09 32.53 22.27
C GLN B 68 20.08 32.52 22.24
N PRO B 69 19.16 32.28 23.18
CA PRO B 69 18.92 30.90 23.61
C PRO B 69 18.16 30.09 22.58
N VAL B 70 18.35 28.78 22.63
CA VAL B 70 17.46 27.85 21.95
C VAL B 70 16.08 27.96 22.59
N THR B 71 15.06 28.12 21.76
CA THR B 71 13.66 28.11 22.19
C THR B 71 12.88 27.12 21.34
N GLN B 72 11.60 26.97 21.67
CA GLN B 72 10.72 26.18 20.82
C GLN B 72 10.51 26.81 19.45
N GLN B 73 10.99 28.04 19.23
CA GLN B 73 10.86 28.74 17.96
C GLN B 73 12.11 28.65 17.10
N THR B 74 13.21 28.10 17.62
CA THR B 74 14.49 28.10 16.90
C THR B 74 14.45 27.13 15.73
N LEU B 75 14.87 27.60 14.55
CA LEU B 75 14.99 26.71 13.39
C LEU B 75 16.38 26.09 13.34
N PHE B 76 16.42 24.77 13.11
CA PHE B 76 17.65 24.02 12.94
C PHE B 76 17.66 23.44 11.53
N GLU B 77 18.87 23.25 10.99
CA GLU B 77 19.03 22.55 9.73
C GLU B 77 18.87 21.04 9.97
N LEU B 78 17.96 20.42 9.22
CA LEU B 78 17.72 19.00 9.42
C LEU B 78 18.71 18.14 8.67
N GLY B 79 19.39 18.69 7.67
CA GLY B 79 20.27 17.84 6.88
C GLY B 79 19.46 16.71 6.26
N SER B 80 20.00 15.49 6.31
CA SER B 80 19.34 14.36 5.66
C SER B 80 18.04 13.91 6.30
N VAL B 81 17.65 14.43 7.47
CA VAL B 81 16.27 14.15 7.91
C VAL B 81 15.26 14.73 6.92
N SER B 82 15.70 15.70 6.10
CA SER B 82 14.88 16.21 5.00
C SER B 82 14.43 15.11 4.04
N LYS B 83 15.25 14.06 3.87
CA LYS B 83 14.85 12.96 3.00
C LYS B 83 13.54 12.30 3.43
N THR B 84 13.15 12.41 4.72
CA THR B 84 11.86 11.83 5.10
C THR B 84 10.71 12.67 4.59
N PHE B 85 10.92 13.98 4.47
CA PHE B 85 9.90 14.83 3.85
C PHE B 85 9.83 14.57 2.35
N THR B 86 10.98 14.34 1.71
CA THR B 86 10.96 14.05 0.28
C THR B 86 10.28 12.71 0.01
N GLY B 87 10.56 11.71 0.85
CA GLY B 87 9.92 10.41 0.69
C GLY B 87 8.41 10.50 0.82
N VAL B 88 7.93 11.22 1.84
CA VAL B 88 6.49 11.34 2.06
C VAL B 88 5.82 12.14 0.95
N LEU B 89 6.49 13.20 0.47
CA LEU B 89 5.96 13.94 -0.67
C LEU B 89 5.86 13.07 -1.91
N GLY B 90 6.85 12.21 -2.13
CA GLY B 90 6.76 11.29 -3.25
C GLY B 90 5.65 10.28 -3.07
N GLY B 91 5.48 9.79 -1.85
CA GLY B 91 4.37 8.88 -1.58
C GLY B 91 3.03 9.54 -1.83
N ASP B 92 2.91 10.82 -1.46
CA ASP B 92 1.68 11.56 -1.72
C ASP B 92 1.41 11.67 -3.22
N ALA B 93 2.45 11.87 -4.04
CA ALA B 93 2.23 11.94 -5.48
C ALA B 93 1.85 10.59 -6.07
N ILE B 94 2.36 9.50 -5.49
CA ILE B 94 1.92 8.16 -5.88
C ILE B 94 0.44 7.99 -5.56
N ALA B 95 0.03 8.40 -4.36
CA ALA B 95 -1.37 8.27 -3.94
C ALA B 95 -2.29 9.13 -4.80
N ARG B 96 -1.81 10.29 -5.26
CA ARG B 96 -2.54 11.14 -6.20
C ARG B 96 -2.63 10.54 -7.60
N GLY B 97 -1.92 9.45 -7.87
CA GLY B 97 -1.89 8.91 -9.22
C GLY B 97 -1.05 9.71 -10.19
N GLU B 98 -0.16 10.57 -9.71
CA GLU B 98 0.68 11.35 -10.61
C GLU B 98 1.93 10.62 -11.07
N ILE B 99 2.46 9.74 -10.22
CA ILE B 99 3.64 8.94 -10.55
C ILE B 99 3.41 7.52 -10.06
N LYS B 100 4.21 6.59 -10.58
CA LYS B 100 4.33 5.24 -10.06
C LYS B 100 5.82 4.96 -9.85
N LEU B 101 6.14 4.24 -8.77
CA LEU B 101 7.52 3.88 -8.51
C LEU B 101 8.07 2.91 -9.54
N SER B 102 7.20 2.20 -10.26
CA SER B 102 7.62 1.31 -11.34
C SER B 102 7.95 2.02 -12.63
N ASP B 103 7.71 3.34 -12.71
CA ASP B 103 7.92 4.02 -13.97
C ASP B 103 9.40 4.31 -14.18
N PRO B 104 9.87 4.21 -15.42
CA PRO B 104 11.26 4.54 -15.73
C PRO B 104 11.57 5.99 -15.42
N THR B 105 12.83 6.23 -15.04
CA THR B 105 13.29 7.59 -14.76
C THR B 105 13.10 8.50 -15.95
N THR B 106 13.27 7.95 -17.15
CA THR B 106 13.20 8.76 -18.37
C THR B 106 11.79 9.24 -18.68
N LYS B 107 10.76 8.63 -18.09
CA LYS B 107 9.38 9.05 -18.36
C LYS B 107 9.15 10.49 -17.91
N TYR B 108 9.72 10.88 -16.78
CA TYR B 108 9.53 12.22 -16.24
C TYR B 108 10.71 13.13 -16.53
N TRP B 109 11.76 12.63 -17.20
CA TRP B 109 12.86 13.45 -17.68
C TRP B 109 13.14 13.02 -19.11
N PRO B 110 12.31 13.46 -20.06
CA PRO B 110 12.41 12.92 -21.43
C PRO B 110 13.81 12.99 -22.00
N GLU B 111 14.53 14.08 -21.71
CA GLU B 111 15.87 14.39 -22.19
C GLU B 111 16.95 13.43 -21.67
N LEU B 112 16.66 12.64 -20.65
CA LEU B 112 17.64 11.72 -20.06
C LEU B 112 17.54 10.38 -20.79
N THR B 113 18.23 10.30 -21.94
CA THR B 113 18.01 9.22 -22.90
C THR B 113 19.09 8.15 -22.91
N ALA B 114 20.21 8.36 -22.23
CA ALA B 114 21.34 7.44 -22.33
C ALA B 114 20.93 6.03 -21.93
N LYS B 115 21.55 5.04 -22.59
CA LYS B 115 21.06 3.67 -22.49
C LYS B 115 21.24 3.08 -21.09
N GLN B 116 22.19 3.59 -20.29
CA GLN B 116 22.38 3.00 -18.96
C GLN B 116 21.21 3.31 -18.03
N TRP B 117 20.32 4.22 -18.42
CA TRP B 117 19.13 4.50 -17.62
C TRP B 117 17.96 3.58 -17.96
N ASN B 118 18.07 2.82 -19.03
CA ASN B 118 17.07 1.80 -19.32
C ASN B 118 17.10 0.76 -18.21
N GLY B 119 15.98 0.61 -17.51
CA GLY B 119 15.90 -0.30 -16.39
C GLY B 119 15.93 0.38 -15.02
N ILE B 120 16.24 1.67 -14.95
CA ILE B 120 16.31 2.39 -13.68
C ILE B 120 14.99 3.12 -13.48
N THR B 121 14.29 2.78 -12.41
CA THR B 121 12.96 3.30 -12.14
C THR B 121 13.00 4.32 -11.00
N LEU B 122 11.88 5.00 -10.80
CA LEU B 122 11.79 5.90 -9.65
C LEU B 122 12.02 5.20 -8.33
N LEU B 123 11.59 3.94 -8.20
CA LEU B 123 11.87 3.20 -6.97
C LEU B 123 13.37 3.13 -6.69
N HIS B 124 14.17 2.87 -7.72
CA HIS B 124 15.62 2.77 -7.52
C HIS B 124 16.21 4.11 -7.07
N LEU B 125 15.74 5.21 -7.65
CA LEU B 125 16.20 6.52 -7.22
C LEU B 125 15.82 6.79 -5.77
N ALA B 126 14.56 6.51 -5.40
CA ALA B 126 14.08 6.83 -4.07
C ALA B 126 14.78 6.02 -2.98
N THR B 127 15.30 4.83 -3.29
CA THR B 127 15.82 3.91 -2.29
C THR B 127 17.33 3.64 -2.43
N TYR B 128 18.05 4.45 -3.24
CA TYR B 128 19.51 4.37 -3.38
C TYR B 128 19.95 3.08 -4.06
N THR B 129 19.12 2.52 -4.93
CA THR B 129 19.44 1.23 -5.55
C THR B 129 19.59 1.32 -7.07
N ALA B 130 19.86 2.51 -7.61
CA ALA B 130 19.99 2.65 -9.06
C ALA B 130 21.25 1.98 -9.59
N GLY B 131 22.24 1.76 -8.72
CA GLY B 131 23.45 1.09 -9.15
C GLY B 131 24.70 1.91 -8.93
N GLY B 132 24.73 2.70 -7.87
CA GLY B 132 25.93 3.42 -7.50
C GLY B 132 25.96 4.89 -7.84
N LEU B 133 24.82 5.56 -7.91
CA LEU B 133 24.86 7.01 -7.96
C LEU B 133 25.63 7.54 -6.76
N PRO B 134 26.39 8.63 -6.90
CA PRO B 134 27.33 9.03 -5.85
C PRO B 134 26.67 9.72 -4.67
N LEU B 135 27.37 9.65 -3.53
CA LEU B 135 26.88 10.26 -2.29
C LEU B 135 26.55 11.73 -2.49
N GLN B 136 27.41 12.47 -3.17
CA GLN B 136 27.21 13.89 -3.41
C GLN B 136 27.15 14.14 -4.91
N VAL B 137 26.31 15.09 -5.30
CA VAL B 137 26.50 15.72 -6.62
C VAL B 137 27.81 16.51 -6.58
N PRO B 138 28.68 16.39 -7.58
CA PRO B 138 29.90 17.21 -7.57
C PRO B 138 29.59 18.69 -7.44
N ASP B 139 30.45 19.40 -6.70
CA ASP B 139 30.16 20.80 -6.36
C ASP B 139 30.12 21.69 -7.59
N GLU B 140 30.82 21.30 -8.66
CA GLU B 140 30.82 22.13 -9.86
C GLU B 140 29.52 22.07 -10.61
N VAL B 141 28.68 21.07 -10.34
CA VAL B 141 27.39 20.93 -11.00
C VAL B 141 26.43 21.92 -10.36
N LYS B 142 25.96 22.88 -11.14
CA LYS B 142 25.12 23.95 -10.61
C LYS B 142 23.82 24.10 -11.37
N SER B 143 23.89 24.21 -12.70
CA SER B 143 22.72 24.52 -13.50
C SER B 143 21.96 23.26 -13.89
N SER B 144 20.76 23.46 -14.41
CA SER B 144 20.01 22.32 -14.94
C SER B 144 20.75 21.68 -16.10
N SER B 145 21.50 22.47 -16.87
CA SER B 145 22.30 21.92 -17.96
C SER B 145 23.44 21.06 -17.41
N ASP B 146 24.08 21.52 -16.32
CA ASP B 146 25.13 20.73 -15.67
C ASP B 146 24.59 19.41 -15.16
N LEU B 147 23.40 19.45 -14.56
CA LEU B 147 22.82 18.26 -13.95
C LEU B 147 22.44 17.23 -15.00
N LEU B 148 21.87 17.68 -16.13
CA LEU B 148 21.61 16.76 -17.22
C LEU B 148 22.89 16.07 -17.67
N ARG B 149 23.95 16.85 -17.88
CA ARG B 149 25.20 16.27 -18.37
C ARG B 149 25.77 15.28 -17.37
N PHE B 150 25.68 15.59 -16.08
CA PHE B 150 26.17 14.69 -15.06
C PHE B 150 25.47 13.34 -15.10
N TYR B 151 24.13 13.34 -15.11
CA TYR B 151 23.41 12.07 -15.15
C TYR B 151 23.56 11.36 -16.50
N GLN B 152 23.59 12.11 -17.61
CA GLN B 152 23.78 11.46 -18.92
C GLN B 152 25.14 10.79 -19.02
N ASN B 153 26.13 11.29 -18.30
CA ASN B 153 27.49 10.75 -18.34
C ASN B 153 27.76 9.71 -17.28
N TRP B 154 26.88 9.58 -16.28
CA TRP B 154 27.13 8.66 -15.18
C TRP B 154 27.04 7.21 -15.66
N GLN B 155 28.01 6.39 -15.26
CA GLN B 155 28.01 4.97 -15.56
C GLN B 155 27.89 4.16 -14.29
N PRO B 156 26.99 3.19 -14.23
CA PRO B 156 26.74 2.48 -12.97
C PRO B 156 27.88 1.57 -12.53
N ALA B 157 27.98 1.38 -11.21
CA ALA B 157 28.87 0.40 -10.63
C ALA B 157 28.25 -0.99 -10.57
N TRP B 158 26.91 -1.07 -10.55
CA TRP B 158 26.16 -2.32 -10.42
C TRP B 158 24.88 -2.21 -11.23
N ALA B 159 24.23 -3.36 -11.46
CA ALA B 159 22.94 -3.38 -12.15
C ALA B 159 21.88 -2.78 -11.23
N PRO B 160 20.76 -2.29 -11.76
CA PRO B 160 19.72 -1.73 -10.89
C PRO B 160 19.14 -2.78 -9.96
N GLY B 161 18.78 -2.34 -8.76
CA GLY B 161 18.08 -3.20 -7.82
C GLY B 161 18.92 -4.30 -7.21
N THR B 162 20.23 -4.09 -7.08
CA THR B 162 21.15 -5.08 -6.51
C THR B 162 21.94 -4.58 -5.31
N GLN B 163 22.33 -3.31 -5.28
CA GLN B 163 23.14 -2.76 -4.19
C GLN B 163 22.54 -1.45 -3.71
N ARG B 164 22.51 -1.25 -2.40
CA ARG B 164 22.10 0.01 -1.80
C ARG B 164 23.35 0.85 -1.53
N LEU B 165 23.41 2.06 -2.07
CA LEU B 165 24.50 3.00 -1.77
C LEU B 165 23.89 4.36 -1.47
N TYR B 166 23.88 4.72 -0.18
CA TYR B 166 23.25 5.97 0.25
C TYR B 166 23.78 7.15 -0.55
N ALA B 167 22.86 7.97 -1.08
CA ALA B 167 23.30 8.98 -2.04
C ALA B 167 22.31 10.12 -2.19
N ASN B 168 22.83 11.35 -2.04
CA ASN B 168 22.02 12.55 -2.30
C ASN B 168 21.63 12.65 -3.76
N SER B 169 22.53 12.24 -4.67
CA SER B 169 22.23 12.30 -6.09
C SER B 169 21.14 11.34 -6.51
N SER B 170 20.79 10.39 -5.66
CA SER B 170 19.75 9.41 -5.98
C SER B 170 18.38 9.92 -5.53
N ILE B 171 18.19 10.07 -4.22
CA ILE B 171 16.89 10.53 -3.72
C ILE B 171 16.64 11.98 -4.10
N GLY B 172 17.69 12.78 -4.26
CA GLY B 172 17.51 14.14 -4.75
C GLY B 172 16.85 14.19 -6.11
N LEU B 173 17.31 13.36 -7.05
CA LEU B 173 16.67 13.30 -8.35
C LEU B 173 15.27 12.73 -8.25
N PHE B 174 15.05 11.76 -7.36
CA PHE B 174 13.69 11.26 -7.16
C PHE B 174 12.75 12.40 -6.81
N GLY B 175 13.15 13.24 -5.86
CA GLY B 175 12.26 14.30 -5.41
C GLY B 175 11.96 15.31 -6.51
N ALA B 176 12.98 15.65 -7.30
CA ALA B 176 12.78 16.58 -8.42
C ALA B 176 11.86 16.01 -9.48
N LEU B 177 11.97 14.72 -9.78
CA LEU B 177 11.10 14.15 -10.81
C LEU B 177 9.70 13.88 -10.28
N ALA B 178 9.57 13.54 -9.00
CA ALA B 178 8.28 13.18 -8.43
C ALA B 178 7.27 14.31 -8.53
N VAL B 179 7.73 15.57 -8.49
CA VAL B 179 6.80 16.70 -8.55
C VAL B 179 6.54 17.17 -9.98
N LYS B 180 7.22 16.61 -10.97
CA LYS B 180 7.04 17.08 -12.35
C LYS B 180 5.61 16.99 -12.85
N PRO B 181 4.89 15.87 -12.67
CA PRO B 181 3.51 15.83 -13.19
C PRO B 181 2.59 16.89 -12.59
N SER B 182 2.85 17.32 -11.36
CA SER B 182 1.98 18.31 -10.72
C SER B 182 2.17 19.70 -11.29
N GLY B 183 3.28 19.94 -11.99
N GLY B 183 3.29 19.95 -11.98
CA GLY B 183 3.64 21.26 -12.46
CA GLY B 183 3.62 21.27 -12.46
C GLY B 183 4.21 22.18 -11.41
C GLY B 183 4.09 22.23 -11.40
N LEU B 184 4.07 21.83 -10.12
CA LEU B 184 4.52 22.68 -9.03
C LEU B 184 6.04 22.61 -8.88
N SER B 185 6.62 23.68 -8.37
CA SER B 185 8.02 23.61 -7.97
C SER B 185 8.14 22.68 -6.76
N PHE B 186 9.35 22.14 -6.55
CA PHE B 186 9.53 21.25 -5.41
C PHE B 186 9.12 21.92 -4.11
N GLU B 187 9.57 23.17 -3.90
CA GLU B 187 9.22 23.87 -2.66
C GLU B 187 7.72 24.10 -2.54
N GLN B 188 7.03 24.47 -3.64
CA GLN B 188 5.59 24.73 -3.53
C GLN B 188 4.81 23.45 -3.29
N ALA B 189 5.21 22.34 -3.93
CA ALA B 189 4.59 21.05 -3.65
C ALA B 189 4.76 20.69 -2.17
N MET B 190 5.99 20.79 -1.66
CA MET B 190 6.25 20.43 -0.27
C MET B 190 5.43 21.31 0.67
N GLN B 191 5.36 22.61 0.40
CA GLN B 191 4.63 23.53 1.27
C GLN B 191 3.14 23.21 1.28
N THR B 192 2.52 23.13 0.09
CA THR B 192 1.07 23.01 0.02
C THR B 192 0.59 21.59 0.28
N ARG B 193 1.42 20.57 0.02
CA ARG B 193 0.96 19.20 0.15
C ARG B 193 1.42 18.49 1.43
N VAL B 194 2.49 18.98 2.08
CA VAL B 194 2.97 18.32 3.30
C VAL B 194 2.98 19.28 4.49
N PHE B 195 3.70 20.40 4.39
CA PHE B 195 3.88 21.28 5.55
C PHE B 195 2.54 21.85 6.02
N GLN B 196 1.75 22.40 5.10
CA GLN B 196 0.53 23.11 5.52
C GLN B 196 -0.56 22.17 6.02
N PRO B 197 -0.88 21.06 5.35
CA PRO B 197 -1.87 20.14 5.93
C PRO B 197 -1.52 19.66 7.33
N LEU B 198 -0.23 19.52 7.64
CA LEU B 198 0.19 19.09 8.96
C LEU B 198 0.44 20.26 9.91
N LYS B 199 0.18 21.49 9.47
CA LYS B 199 0.32 22.70 10.28
C LYS B 199 1.76 22.86 10.78
N LEU B 200 2.71 22.55 9.89
CA LEU B 200 4.12 22.82 10.16
C LEU B 200 4.39 24.25 9.69
N ASN B 201 4.01 25.20 10.53
CA ASN B 201 4.00 26.60 10.11
C ASN B 201 5.34 27.30 10.32
N HIS B 202 6.37 26.59 10.79
CA HIS B 202 7.70 27.17 10.99
C HIS B 202 8.77 26.24 10.41
N THR B 203 8.45 25.64 9.26
CA THR B 203 9.29 24.69 8.56
C THR B 203 9.45 25.17 7.13
N TRP B 204 10.69 25.21 6.64
CA TRP B 204 11.01 25.90 5.40
C TRP B 204 12.13 25.20 4.66
N ILE B 205 12.04 25.26 3.34
CA ILE B 205 13.19 24.94 2.51
C ILE B 205 14.08 26.17 2.32
N ASN B 206 13.45 27.33 2.10
CA ASN B 206 14.13 28.61 2.08
C ASN B 206 13.55 29.47 3.19
N VAL B 207 14.38 29.81 4.18
CA VAL B 207 13.91 30.55 5.35
C VAL B 207 13.56 31.97 4.94
N PRO B 208 12.32 32.42 5.16
CA PRO B 208 11.93 33.77 4.73
C PRO B 208 12.48 34.82 5.66
N PRO B 209 12.49 36.09 5.25
CA PRO B 209 13.06 37.16 6.11
C PRO B 209 12.47 37.22 7.51
N ALA B 210 11.18 36.93 7.66
CA ALA B 210 10.54 37.02 8.97
C ALA B 210 11.04 35.96 9.95
N GLU B 211 11.57 34.84 9.45
CA GLU B 211 12.07 33.77 10.31
C GLU B 211 13.57 33.84 10.53
N GLU B 212 14.27 34.78 9.89
CA GLU B 212 15.73 34.80 9.97
C GLU B 212 16.21 34.98 11.40
N LYS B 213 15.50 35.77 12.20
CA LYS B 213 15.90 35.97 13.60
C LYS B 213 15.86 34.68 14.41
N ASN B 214 15.07 33.69 13.99
CA ASN B 214 14.90 32.43 14.68
C ASN B 214 15.79 31.32 14.13
N TYR B 215 16.56 31.59 13.07
CA TYR B 215 17.38 30.59 12.39
C TYR B 215 18.69 30.45 13.16
N ALA B 216 18.89 29.31 13.83
CA ALA B 216 20.12 29.10 14.56
C ALA B 216 21.32 29.12 13.63
N TRP B 217 22.47 29.51 14.17
CA TRP B 217 23.73 29.23 13.49
C TRP B 217 24.18 27.81 13.80
N GLY B 218 24.79 27.16 12.80
CA GLY B 218 25.55 25.96 13.06
C GLY B 218 26.99 26.29 13.40
N TYR B 219 27.67 25.38 14.07
CA TYR B 219 29.04 25.63 14.51
C TYR B 219 29.94 24.50 14.03
N ARG B 220 30.93 24.86 13.21
CA ARG B 220 31.92 23.92 12.69
C ARG B 220 33.30 24.53 12.93
N GLU B 221 34.12 23.82 13.70
CA GLU B 221 35.44 24.30 14.13
C GLU B 221 35.33 25.65 14.82
N GLY B 222 34.23 25.82 15.57
CA GLY B 222 33.97 27.06 16.29
C GLY B 222 33.43 28.20 15.47
N LYS B 223 33.23 28.02 14.17
CA LYS B 223 32.75 29.09 13.30
C LYS B 223 31.27 28.91 12.99
N ALA B 224 30.53 30.02 13.00
CA ALA B 224 29.11 30.00 12.70
C ALA B 224 28.88 29.83 11.21
N VAL B 225 28.08 28.84 10.83
CA VAL B 225 27.87 28.52 9.43
C VAL B 225 26.41 28.14 9.15
N HIS B 226 25.99 28.38 7.92
CA HIS B 226 24.73 27.87 7.39
C HIS B 226 25.06 27.02 6.18
N VAL B 227 24.16 26.09 5.85
CA VAL B 227 24.41 25.19 4.73
C VAL B 227 24.49 25.98 3.43
N SER B 228 25.44 25.59 2.55
CA SER B 228 25.70 26.27 1.28
C SER B 228 24.75 25.75 0.20
N PRO B 229 24.40 26.60 -0.76
CA PRO B 229 23.55 26.13 -1.87
C PRO B 229 24.27 25.06 -2.68
N GLY B 230 23.48 24.11 -3.19
CA GLY B 230 24.03 23.06 -4.02
C GLY B 230 22.93 22.45 -4.86
N ALA B 231 23.34 21.68 -5.87
CA ALA B 231 22.36 21.05 -6.72
C ALA B 231 21.54 20.02 -5.92
N LEU B 232 20.23 20.02 -6.14
CA LEU B 232 19.29 19.11 -5.47
C LEU B 232 19.37 19.24 -3.96
N ASP B 233 19.77 20.40 -3.47
CA ASP B 233 19.86 20.61 -2.02
C ASP B 233 18.48 20.57 -1.37
N ALA B 234 17.49 21.23 -1.97
CA ALA B 234 16.14 21.21 -1.39
C ALA B 234 15.62 19.78 -1.23
N GLU B 235 15.91 18.93 -2.22
CA GLU B 235 15.35 17.59 -2.25
C GLU B 235 16.09 16.62 -1.36
N ALA B 236 17.37 16.87 -1.09
CA ALA B 236 18.18 15.89 -0.35
C ALA B 236 18.55 16.31 1.06
N TYR B 237 18.66 17.61 1.34
CA TYR B 237 19.10 18.01 2.68
C TYR B 237 18.67 19.43 3.02
N GLY B 238 17.55 19.86 2.45
CA GLY B 238 17.17 21.25 2.41
C GLY B 238 16.24 21.83 3.46
N VAL B 239 15.71 21.03 4.37
CA VAL B 239 14.67 21.53 5.27
C VAL B 239 15.27 22.07 6.57
N LYS B 240 14.68 23.17 7.07
CA LYS B 240 14.97 23.74 8.38
C LYS B 240 13.65 23.78 9.16
N SER B 241 13.69 23.43 10.45
CA SER B 241 12.45 23.33 11.19
C SER B 241 12.70 23.55 12.68
N THR B 242 11.61 23.78 13.42
CA THR B 242 11.66 23.93 14.86
C THR B 242 11.38 22.61 15.55
N ILE B 243 11.66 22.57 16.86
CA ILE B 243 11.41 21.35 17.64
C ILE B 243 9.91 21.09 17.78
N GLU B 244 9.07 22.13 17.78
N GLU B 244 9.09 22.13 17.78
CA GLU B 244 7.64 21.91 17.85
CA GLU B 244 7.64 21.91 17.85
C GLU B 244 7.11 21.34 16.54
C GLU B 244 7.10 21.34 16.55
N ASP B 245 7.53 21.89 15.40
CA ASP B 245 7.10 21.34 14.11
C ASP B 245 7.64 19.91 13.93
N MET B 246 8.86 19.64 14.38
CA MET B 246 9.38 18.28 14.25
C MET B 246 8.63 17.31 15.16
N ALA B 247 8.15 17.76 16.32
CA ALA B 247 7.31 16.88 17.13
C ALA B 247 6.00 16.55 16.41
N ARG B 248 5.44 17.52 15.67
CA ARG B 248 4.22 17.27 14.92
C ARG B 248 4.49 16.33 13.75
N TRP B 249 5.66 16.46 13.13
CA TRP B 249 6.10 15.51 12.10
C TRP B 249 6.13 14.08 12.64
N VAL B 250 6.72 13.89 13.83
CA VAL B 250 6.73 12.56 14.45
C VAL B 250 5.31 12.07 14.72
N GLN B 251 4.46 12.93 15.31
CA GLN B 251 3.08 12.51 15.58
C GLN B 251 2.38 12.05 14.31
N SER B 252 2.58 12.78 13.21
CA SER B 252 1.94 12.45 11.94
C SER B 252 2.43 11.11 11.41
N ASN B 253 3.71 10.83 11.57
CA ASN B 253 4.24 9.57 11.09
C ASN B 253 3.95 8.41 12.04
N LEU B 254 3.68 8.71 13.32
CA LEU B 254 3.25 7.67 14.25
C LEU B 254 1.83 7.19 13.96
N LYS B 255 0.94 8.11 13.57
CA LYS B 255 -0.49 7.82 13.40
C LYS B 255 -0.99 8.44 12.11
N PRO B 256 -0.55 7.91 10.96
CA PRO B 256 -0.96 8.51 9.67
C PRO B 256 -2.47 8.51 9.46
N LEU B 257 -3.20 7.58 10.08
CA LEU B 257 -4.64 7.50 9.87
C LEU B 257 -5.37 8.74 10.41
N ASP B 258 -4.82 9.38 11.43
CA ASP B 258 -5.43 10.60 11.97
C ASP B 258 -5.31 11.80 11.04
N ILE B 259 -4.63 11.65 9.91
CA ILE B 259 -4.48 12.74 8.95
C ILE B 259 -5.71 12.79 8.06
N ASN B 260 -6.32 13.98 7.95
CA ASN B 260 -7.58 14.09 7.20
C ASN B 260 -7.33 14.02 5.70
N GLU B 261 -6.23 14.61 5.22
CA GLU B 261 -5.96 14.63 3.78
C GLU B 261 -5.64 13.22 3.30
N LYS B 262 -6.43 12.75 2.33
CA LYS B 262 -6.46 11.33 1.99
C LYS B 262 -5.13 10.87 1.38
N THR B 263 -4.60 11.63 0.43
CA THR B 263 -3.39 11.17 -0.26
C THR B 263 -2.17 11.35 0.63
N LEU B 264 -2.19 12.31 1.57
CA LEU B 264 -1.07 12.47 2.48
C LEU B 264 -1.03 11.35 3.50
N GLN B 265 -2.19 10.96 4.00
CA GLN B 265 -2.28 9.77 4.85
C GLN B 265 -1.64 8.57 4.17
N GLN B 266 -2.02 8.31 2.91
CA GLN B 266 -1.44 7.19 2.17
C GLN B 266 0.04 7.41 1.89
N GLY B 267 0.43 8.65 1.59
CA GLY B 267 1.84 8.93 1.31
C GLY B 267 2.75 8.62 2.48
N ILE B 268 2.30 8.92 3.71
CA ILE B 268 3.08 8.58 4.90
C ILE B 268 3.18 7.07 5.05
N GLN B 269 2.08 6.36 4.80
CA GLN B 269 2.11 4.90 4.88
C GLN B 269 3.02 4.30 3.82
N LEU B 270 3.04 4.89 2.62
CA LEU B 270 3.93 4.36 1.58
C LEU B 270 5.40 4.59 1.90
N ALA B 271 5.73 5.70 2.56
CA ALA B 271 7.12 5.97 2.89
C ALA B 271 7.66 5.04 3.98
N GLN B 272 6.78 4.41 4.76
CA GLN B 272 7.18 3.41 5.74
C GLN B 272 7.00 1.99 5.26
N SER B 273 6.68 1.79 3.98
CA SER B 273 6.69 0.46 3.42
C SER B 273 8.13 -0.04 3.32
N ARG B 274 8.29 -1.37 3.43
CA ARG B 274 9.61 -2.00 3.36
C ARG B 274 9.86 -2.51 1.95
N TYR B 275 10.76 -1.84 1.22
CA TYR B 275 11.04 -2.14 -0.19
C TYR B 275 12.26 -3.03 -0.40
N TRP B 276 13.25 -2.91 0.47
CA TRP B 276 14.51 -3.66 0.39
C TRP B 276 14.94 -4.02 1.80
N GLN B 277 15.66 -5.13 1.91
CA GLN B 277 16.26 -5.53 3.18
C GLN B 277 17.77 -5.66 2.98
N THR B 278 18.53 -5.09 3.90
CA THR B 278 19.95 -5.41 4.06
C THR B 278 20.24 -5.68 5.53
N GLY B 279 20.75 -6.86 5.84
CA GLY B 279 20.96 -7.18 7.24
C GLY B 279 19.63 -7.16 7.97
N ASP B 280 19.57 -6.46 9.10
CA ASP B 280 18.32 -6.31 9.83
C ASP B 280 17.61 -4.99 9.54
N MET B 281 18.01 -4.28 8.50
CA MET B 281 17.45 -2.97 8.20
C MET B 281 16.62 -3.02 6.93
N TYR B 282 15.52 -2.26 6.91
CA TYR B 282 14.64 -2.17 5.75
C TYR B 282 14.64 -0.73 5.25
N GLN B 283 14.62 -0.57 3.94
CA GLN B 283 14.66 0.75 3.32
C GLN B 283 13.24 1.17 2.93
N GLY B 284 12.78 2.29 3.46
CA GLY B 284 11.56 2.92 3.03
C GLY B 284 11.83 4.04 2.04
N LEU B 285 10.89 4.98 1.96
CA LEU B 285 11.12 6.18 1.17
C LEU B 285 11.60 7.26 2.14
N GLY B 286 12.92 7.45 2.19
CA GLY B 286 13.50 8.35 3.18
C GLY B 286 13.68 7.71 4.55
N TRP B 287 12.60 7.25 5.17
CA TRP B 287 12.69 6.51 6.42
C TRP B 287 13.43 5.19 6.24
N GLU B 288 14.13 4.77 7.30
CA GLU B 288 14.67 3.43 7.42
C GLU B 288 14.04 2.75 8.64
N MET B 289 13.90 1.42 8.59
CA MET B 289 13.11 0.70 9.58
C MET B 289 13.82 -0.58 10.01
N LEU B 290 13.58 -0.96 11.26
CA LEU B 290 13.99 -2.25 11.81
C LEU B 290 12.82 -2.83 12.59
N ASP B 291 12.77 -4.15 12.68
CA ASP B 291 11.73 -4.77 13.49
C ASP B 291 11.92 -4.45 14.97
N TRP B 292 10.81 -4.16 15.65
CA TRP B 292 10.84 -3.96 17.09
C TRP B 292 10.48 -5.26 17.80
N PRO B 293 11.20 -5.65 18.87
CA PRO B 293 12.35 -4.99 19.51
C PRO B 293 13.64 -5.11 18.70
N VAL B 294 14.48 -4.10 18.81
CA VAL B 294 15.69 -3.99 17.99
C VAL B 294 16.90 -4.22 18.88
N ASN B 295 17.97 -4.74 18.28
CA ASN B 295 19.25 -4.83 18.98
C ASN B 295 19.90 -3.44 18.98
N PRO B 296 20.15 -2.85 20.15
CA PRO B 296 20.69 -1.48 20.16
C PRO B 296 22.07 -1.36 19.52
N ASP B 297 22.97 -2.31 19.80
CA ASP B 297 24.30 -2.25 19.20
C ASP B 297 24.22 -2.19 17.68
N SER B 298 23.20 -2.80 17.10
CA SER B 298 23.03 -2.81 15.65
C SER B 298 22.69 -1.43 15.10
N ILE B 299 21.70 -0.74 15.68
CA ILE B 299 21.40 0.60 15.18
C ILE B 299 22.49 1.59 15.57
N ILE B 300 23.11 1.42 16.75
CA ILE B 300 24.17 2.34 17.16
C ILE B 300 25.39 2.17 16.26
N ASN B 301 25.94 0.96 16.20
CA ASN B 301 27.10 0.73 15.35
C ASN B 301 26.77 0.91 13.88
N GLY B 302 25.54 0.57 13.47
CA GLY B 302 25.14 0.71 12.07
C GLY B 302 24.97 2.13 11.61
N SER B 303 24.85 3.09 12.54
CA SER B 303 24.73 4.49 12.16
C SER B 303 26.07 5.15 11.91
N ASP B 304 27.18 4.52 12.28
CA ASP B 304 28.50 5.04 11.95
C ASP B 304 28.63 5.12 10.44
N ASN B 305 29.17 6.25 9.96
CA ASN B 305 29.20 6.46 8.52
C ASN B 305 30.05 5.42 7.79
N LYS B 306 30.96 4.74 8.48
CA LYS B 306 31.73 3.72 7.78
C LYS B 306 30.83 2.57 7.32
N ILE B 307 29.73 2.33 8.02
CA ILE B 307 28.73 1.34 7.63
C ILE B 307 27.60 1.97 6.82
N ALA B 308 27.05 3.08 7.34
CA ALA B 308 25.87 3.70 6.76
C ALA B 308 26.11 4.20 5.34
N LEU B 309 27.36 4.54 4.99
CA LEU B 309 27.66 5.08 3.66
C LEU B 309 28.27 4.04 2.74
N ALA B 310 28.36 2.78 3.18
CA ALA B 310 28.98 1.74 2.37
C ALA B 310 27.94 1.00 1.54
N ALA B 311 28.35 0.51 0.38
CA ALA B 311 27.43 -0.29 -0.41
C ALA B 311 27.09 -1.59 0.32
N ARG B 312 25.85 -2.02 0.20
CA ARG B 312 25.39 -3.25 0.82
C ARG B 312 24.44 -3.94 -0.16
N PRO B 313 24.52 -5.25 -0.30
CA PRO B 313 23.57 -5.96 -1.17
C PRO B 313 22.18 -5.96 -0.57
N VAL B 314 21.17 -5.79 -1.42
CA VAL B 314 19.77 -5.71 -0.99
C VAL B 314 19.01 -6.91 -1.52
N LYS B 315 18.10 -7.43 -0.71
CA LYS B 315 17.07 -8.36 -1.16
C LYS B 315 15.80 -7.57 -1.40
N ALA B 316 15.25 -7.70 -2.61
CA ALA B 316 13.96 -7.09 -2.90
C ALA B 316 12.87 -7.74 -2.06
N ILE B 317 11.99 -6.91 -1.51
CA ILE B 317 10.82 -7.39 -0.80
C ILE B 317 9.68 -7.30 -1.79
N THR B 318 9.26 -8.47 -2.30
CA THR B 318 8.38 -8.58 -3.46
C THR B 318 7.08 -9.22 -3.03
N PRO B 319 6.01 -8.44 -2.84
CA PRO B 319 5.89 -6.99 -2.96
C PRO B 319 6.27 -6.33 -1.63
N PRO B 320 6.41 -5.00 -1.60
CA PRO B 320 6.81 -4.33 -0.35
C PRO B 320 5.82 -4.59 0.77
N THR B 321 6.35 -4.71 1.99
CA THR B 321 5.54 -4.90 3.17
C THR B 321 4.94 -3.57 3.59
N PRO B 322 3.62 -3.48 3.79
CA PRO B 322 3.04 -2.23 4.30
C PRO B 322 3.61 -1.91 5.67
N ALA B 323 3.50 -0.64 6.04
CA ALA B 323 4.06 -0.12 7.29
C ALA B 323 3.80 -1.04 8.49
N VAL B 324 4.87 -1.52 9.11
CA VAL B 324 4.77 -2.42 10.27
C VAL B 324 4.75 -1.59 11.54
N ARG B 325 3.68 -1.71 12.34
CA ARG B 325 3.61 -0.89 13.54
C ARG B 325 4.70 -1.25 14.55
N ALA B 326 5.04 -2.54 14.66
CA ALA B 326 6.12 -2.96 15.56
C ALA B 326 7.48 -2.75 14.86
N SER B 327 7.83 -1.48 14.71
CA SER B 327 9.05 -1.09 14.03
C SER B 327 9.76 0.01 14.80
N TRP B 328 11.09 0.03 14.71
CA TRP B 328 11.91 1.21 15.01
C TRP B 328 12.11 1.94 13.68
N VAL B 329 11.54 3.13 13.55
CA VAL B 329 11.63 3.92 12.33
C VAL B 329 12.51 5.12 12.64
N HIS B 330 13.51 5.39 11.78
CA HIS B 330 14.44 6.44 12.18
C HIS B 330 15.16 7.02 10.97
N LYS B 331 15.85 8.15 11.22
CA LYS B 331 16.72 8.78 10.22
C LYS B 331 17.69 9.73 10.92
N THR B 332 18.96 9.64 10.55
CA THR B 332 19.98 10.60 10.96
C THR B 332 20.10 11.70 9.92
N GLY B 333 20.61 12.85 10.35
CA GLY B 333 20.85 13.94 9.41
C GLY B 333 21.96 14.82 9.90
N ALA B 334 22.69 15.42 8.94
CA ALA B 334 23.74 16.35 9.31
C ALA B 334 23.90 17.39 8.21
N THR B 335 24.40 18.55 8.59
CA THR B 335 25.02 19.50 7.68
C THR B 335 26.37 19.86 8.28
N GLY B 336 27.08 20.80 7.64
CA GLY B 336 28.38 21.19 8.15
C GLY B 336 28.32 21.62 9.61
N GLY B 337 27.24 22.28 10.01
CA GLY B 337 27.15 22.79 11.36
C GLY B 337 26.04 22.24 12.23
N PHE B 338 25.32 21.21 11.78
CA PHE B 338 24.16 20.69 12.51
C PHE B 338 24.14 19.17 12.51
N GLY B 339 23.51 18.61 13.54
CA GLY B 339 23.32 17.18 13.65
C GLY B 339 21.94 16.87 14.20
N SER B 340 21.19 16.01 13.51
CA SER B 340 19.81 15.75 13.87
C SER B 340 19.54 14.24 13.90
N TYR B 341 18.51 13.86 14.66
CA TYR B 341 18.08 12.47 14.68
C TYR B 341 16.61 12.40 15.03
N VAL B 342 15.90 11.48 14.38
CA VAL B 342 14.48 11.23 14.66
C VAL B 342 14.28 9.72 14.71
N ALA B 343 13.59 9.23 15.75
CA ALA B 343 13.24 7.82 15.87
C ALA B 343 11.87 7.67 16.51
N PHE B 344 11.09 6.68 16.06
CA PHE B 344 9.79 6.49 16.69
C PHE B 344 9.34 5.05 16.50
N ILE B 345 8.45 4.62 17.39
CA ILE B 345 7.93 3.24 17.38
C ILE B 345 6.40 3.31 17.30
N PRO B 346 5.80 3.13 16.12
CA PRO B 346 4.34 3.37 16.00
C PRO B 346 3.49 2.59 17.00
N GLU B 347 3.82 1.32 17.26
CA GLU B 347 2.95 0.54 18.12
C GLU B 347 2.97 0.99 19.58
N LYS B 348 4.00 1.75 19.99
CA LYS B 348 4.08 2.27 21.35
C LYS B 348 3.67 3.73 21.46
N GLU B 349 3.32 4.37 20.35
CA GLU B 349 3.02 5.81 20.31
C GLU B 349 4.15 6.61 20.94
N LEU B 350 5.39 6.28 20.58
CA LEU B 350 6.56 6.77 21.28
C LEU B 350 7.59 7.27 20.27
N GLY B 351 8.20 8.43 20.55
CA GLY B 351 9.21 8.88 19.60
C GLY B 351 10.09 9.97 20.19
N ILE B 352 11.13 10.33 19.44
CA ILE B 352 12.09 11.35 19.90
C ILE B 352 12.62 12.14 18.71
N VAL B 353 12.85 13.44 18.94
CA VAL B 353 13.54 14.32 17.97
C VAL B 353 14.69 14.99 18.70
N MET B 354 15.88 14.95 18.10
CA MET B 354 17.06 15.58 18.68
C MET B 354 17.68 16.52 17.66
N LEU B 355 17.66 17.82 17.93
CA LEU B 355 18.22 18.83 17.02
C LEU B 355 19.36 19.56 17.72
N ALA B 356 20.53 19.59 17.06
CA ALA B 356 21.71 20.26 17.63
C ALA B 356 22.39 21.11 16.57
N ASN B 357 23.01 22.20 17.01
CA ASN B 357 23.75 23.05 16.07
C ASN B 357 25.25 22.80 16.14
N LYS B 358 25.60 21.51 16.21
CA LYS B 358 26.94 21.00 15.93
C LYS B 358 26.76 19.61 15.34
N ASN B 359 27.55 19.31 14.31
CA ASN B 359 27.53 17.97 13.70
C ASN B 359 28.43 17.07 14.54
N TYR B 360 27.82 16.23 15.37
CA TYR B 360 28.55 15.31 16.23
C TYR B 360 28.23 13.86 15.82
N PRO B 361 29.04 12.88 16.24
CA PRO B 361 28.95 11.54 15.62
C PRO B 361 27.58 10.88 15.77
N ASN B 362 27.13 10.26 14.67
CA ASN B 362 25.87 9.53 14.64
C ASN B 362 25.71 8.52 15.78
N PRO B 363 26.70 7.67 16.10
CA PRO B 363 26.45 6.68 17.16
C PRO B 363 26.11 7.27 18.50
N ALA B 364 26.66 8.45 18.82
CA ALA B 364 26.30 9.10 20.08
C ALA B 364 24.85 9.54 20.09
N ARG B 365 24.32 9.98 18.93
CA ARG B 365 22.90 10.35 18.87
C ARG B 365 22.01 9.14 19.08
N VAL B 366 22.30 8.05 18.37
CA VAL B 366 21.42 6.89 18.42
C VAL B 366 21.49 6.24 19.79
N ASP B 367 22.69 6.20 20.38
CA ASP B 367 22.82 5.67 21.74
C ASP B 367 21.95 6.44 22.72
N ALA B 368 21.97 7.78 22.64
CA ALA B 368 21.17 8.57 23.58
C ALA B 368 19.69 8.35 23.34
N ALA B 369 19.26 8.30 22.08
CA ALA B 369 17.86 8.07 21.76
C ALA B 369 17.41 6.71 22.26
N TRP B 370 18.27 5.70 22.13
CA TRP B 370 17.93 4.37 22.63
C TRP B 370 17.73 4.37 24.14
N GLN B 371 18.64 5.01 24.88
CA GLN B 371 18.50 5.05 26.34
C GLN B 371 17.16 5.64 26.74
N ILE B 372 16.75 6.69 26.06
CA ILE B 372 15.51 7.38 26.44
C ILE B 372 14.29 6.54 26.06
N LEU B 373 14.22 6.10 24.79
CA LEU B 373 13.02 5.39 24.36
C LEU B 373 12.92 4.00 25.00
N ASN B 374 14.06 3.33 25.24
CA ASN B 374 13.99 2.04 25.91
C ASN B 374 13.54 2.19 27.36
N ALA B 375 13.90 3.29 28.01
CA ALA B 375 13.43 3.55 29.37
C ALA B 375 11.92 3.76 29.42
N LEU B 376 11.32 4.23 28.33
CA LEU B 376 9.93 4.67 28.37
C LEU B 376 8.96 3.69 27.73
N GLN B 377 9.44 2.74 26.94
CA GLN B 377 8.54 1.86 26.19
C GLN B 377 7.90 0.82 27.11
C12 A1AU5 C . -15.82 -19.00 -11.87
O13 A1AU5 C . -16.65 -18.39 -10.91
C14 A1AU5 C . -15.54 -18.32 -13.05
C16 A1AU5 C . -14.73 -18.89 -14.04
C17 A1AU5 C . -14.18 -20.15 -13.84
C20 A1AU5 C . -17.99 -23.67 -8.83
C21 A1AU5 C . -18.67 -24.88 -9.03
C01 A1AU5 C . -20.81 -25.26 -14.87
C02 A1AU5 C . -20.39 -25.38 -13.40
C04 A1AU5 C . -19.20 -23.07 -13.45
C05 A1AU5 C . -18.45 -22.25 -12.44
C06 A1AU5 C . -18.44 -23.07 -11.15
C07 A1AU5 C . -17.87 -22.77 -9.89
C11 A1AU5 C . -15.26 -20.29 -11.68
C18 A1AU5 C . -14.45 -20.84 -12.66
C22 A1AU5 C . -19.23 -25.18 -10.28
C23 A1AU5 C . -19.11 -24.27 -11.34
N03 A1AU5 C . -19.61 -24.31 -12.78
N08 A1AU5 C . -17.19 -21.48 -9.72
O10 A1AU5 C . -14.90 -22.62 -10.31
O19 A1AU5 C . -14.80 -20.74 -9.02
O24 A1AU5 C . -20.69 -26.36 -12.77
S09 A1AU5 C . -15.54 -21.30 -10.17
CL15 A1AU5 C . -16.22 -16.69 -13.36
C12 A1AU5 D . 23.75 13.41 5.77
O13 A1AU5 D . 22.69 14.26 6.21
C14 A1AU5 D . 24.21 12.30 6.50
C16 A1AU5 D . 25.27 11.52 6.01
C17 A1AU5 D . 25.87 11.84 4.81
C20 A1AU5 D . 25.07 18.62 3.48
C21 A1AU5 D . 26.23 19.42 3.42
C01 A1AU5 D . 30.57 17.12 7.26
C02 A1AU5 D . 29.64 17.91 6.34
C04 A1AU5 D . 27.94 15.96 6.22
C05 A1AU5 D . 26.46 15.97 5.97
C06 A1AU5 D . 26.21 17.14 5.02
C07 A1AU5 D . 25.06 17.49 4.29
C11 A1AU5 D . 24.38 13.71 4.55
C18 A1AU5 D . 25.43 12.93 4.07
C22 A1AU5 D . 27.36 19.07 4.15
C23 A1AU5 D . 27.36 17.92 4.98
N03 A1AU5 D . 28.39 17.31 5.87
N08 A1AU5 D . 23.88 16.64 4.39
O10 A1AU5 D . 24.60 15.24 2.32
O19 A1AU5 D . 22.46 14.86 3.07
O24 A1AU5 D . 29.94 19.02 6.01
S09 A1AU5 D . 23.82 15.14 3.56
CL15 A1AU5 D . 23.49 11.80 8.06
#